data_8JAG
#
_entry.id   8JAG
#
_cell.length_a   1.00
_cell.length_b   1.00
_cell.length_c   1.00
_cell.angle_alpha   90.00
_cell.angle_beta   90.00
_cell.angle_gamma   90.00
#
_symmetry.space_group_name_H-M   'P 1'
#
loop_
_entity.id
_entity.type
_entity.pdbx_description
1 polymer 'Spike glycoprotein'
2 polymer 'H chain of 6H2 Fab region'
3 polymer 'L chain of 6H2 Fab region'
4 non-polymer 2-acetamido-2-deoxy-beta-D-glucopyranose
#
loop_
_entity_poly.entity_id
_entity_poly.type
_entity_poly.pdbx_seq_one_letter_code
_entity_poly.pdbx_strand_id
1 'polypeptide(L)'
;MFIFLLFLTLTSGSDLDRCTTFDDVQAPNYTQHTSSMRGVYYPDEIFRSDTLYLTQDLFLPFYSNVTGFHTINHTFGNPV
IPFKDGIYFAATEKSNVVRGWVFGSTMNNKSQSVIIINNSTNVVIRACNFELCDNPFFAVSKPMGTQTHTMIFDNAFNCT
FEYISDAFSLDVSEKSGNFKHLREFVFKNKDGFLYVYKGYQPIDVVRDLPSGFNTLKPIFKLPLGINITNFRAILTAFSP
AQDIWGTSAAAYFVGYLKPTTFMLKYDENGTITDAVDCSQNPLAELKCSVKSFEIDKGIYQTSNFRVVPSGDVVRFPNIT
NLCPFGEVFNATKFPSVYAWERKKISNCVADYSVLYNSTFFSTFKCYGVSATKLNDLCFSNVYADSFVVKGDDVRQIAPG
QTGVIADYNYKLPDDFMGCVLAWNTRNIDATSTGNYNYKYRYLRHGKLRPFERDISNVPFSPDGKPCTPPALNCYWPLND
YGFYTTTGIGYQPYRVVVLSFELLNAPATVCGPKLSTDLIKNQCVNFNFNGLTGTGVLTPSSKRFQPFQQFGRDVSDFTD
SVRDPKTSEILDISPCSFGGVSVITPGTNASSEVAVLYQDVNCTDVSTAIHADQLTPAWRIYSTGNNVFQTQAGCLIGAE
HVDTSYECDIPIGAGICASYHTVSLLRSTSQKSIVAYTMSLGADSSIAYSNNTIAIPTNFSISITTEVMPVSMAKTSVDC
NMYICGDSTECANLLLQYGSFCTQLNRALSGIAAEQDRNTREVFAQVKQMYKTPTLKYFGGFNFSQILPDPLKPTKRSFI
EDLLFNKVTLADAGFMKQYGECLGDINARDLICAQKFNGLTVLPPLLTDDMIAAYTAALVSGTATAGWTFGAGAALQIPF
AMQMAYRFNGIGVTQNVLYENQKQIANQFNKAISQIQESLTTTSTALGKLQDVVNQNAQALNTLVKQLSSNFGAISSVLN
DILSRLDKVEAEVQIDRLITGRLQSLQTYVTQQLIRAAEIRASANLAATKMSECVLGQSKRVDFCGKGYHLMSFPQAAPH
GVVFLHVTYVPSQERNFTTAPAICHEGKAYFPREGVFVFNGTSWFITQRNFFSPQIITTDNTFVSGNCDVVIGIINNTVY
DPLQPELDSFKEELDKYFKNHTSPDVDLGDISGINASVVNIQKEIDRLNEVAKNLNESLIDLQELGKYEQYIKWPWYVWL
GFIAGLIAIVMVTILLCCMTSCCSCLKGACSCGSCCKFDEDDSEPVLKGVKLHYT
;
A
2 'polypeptide(L)'
;QVQLVQSGSELKKPGASVTVSCKASGYSFPTHAMNWVRQAPGQGLEWMGWIPTYAGFTGRFVFSLDTSVSTAYLQISSLK
ADDTAVYYCARGHVLEWFQGTLVTVSS
;
H
3 'polypeptide(L)'
;DVVMTQSPLSLSVTPGQPASISCKSSQTLLHSDGQTSFYWYLQKPGQSPQLLIYDISSRFSGVPDRFSGSGSGTDFTLKI
SRVEAEDVGVYYCMQGTQFPWTFGQGTKVEIK
;
L
#
# COMPACT_ATOMS: atom_id res chain seq x y z
N ARG A 18 55.61 8.67 -11.96
CA ARG A 18 55.93 9.91 -11.27
C ARG A 18 54.80 10.97 -11.48
N CYS A 19 54.11 11.34 -10.37
CA CYS A 19 53.03 12.32 -10.31
C CYS A 19 53.48 13.77 -10.09
N THR A 20 52.70 14.67 -10.66
CA THR A 20 52.80 16.06 -10.36
C THR A 20 51.76 16.32 -9.26
N THR A 21 52.22 16.86 -8.11
CA THR A 21 51.44 17.14 -6.92
C THR A 21 51.84 18.51 -6.39
N THR A 31 28.66 25.90 -18.84
CA THR A 31 27.46 25.81 -19.67
C THR A 31 26.58 24.68 -19.12
N GLN A 32 25.31 24.65 -19.57
CA GLN A 32 24.37 23.58 -19.23
C GLN A 32 23.63 23.27 -20.50
N HIS A 33 23.39 22.01 -20.81
CA HIS A 33 22.82 21.54 -22.04
C HIS A 33 21.59 20.71 -21.72
N THR A 34 20.71 20.57 -22.69
CA THR A 34 19.54 19.74 -22.49
C THR A 34 19.86 18.36 -23.05
N SER A 35 19.66 17.34 -22.23
CA SER A 35 19.98 15.96 -22.55
C SER A 35 19.11 15.32 -23.62
N SER A 36 18.03 15.99 -23.98
CA SER A 36 17.09 15.52 -24.98
C SER A 36 16.59 14.17 -24.60
N MET A 37 16.64 13.24 -25.52
CA MET A 37 16.16 11.92 -25.23
C MET A 37 17.29 10.88 -25.21
N ARG A 38 18.50 11.32 -24.89
CA ARG A 38 19.65 10.43 -24.82
C ARG A 38 19.79 9.66 -23.51
N GLY A 39 20.55 8.57 -23.57
CA GLY A 39 20.89 7.79 -22.38
C GLY A 39 20.14 6.49 -22.14
N VAL A 40 19.33 6.04 -23.07
CA VAL A 40 18.65 4.77 -22.86
C VAL A 40 19.62 3.65 -23.18
N TYR A 41 19.65 2.66 -22.32
CA TYR A 41 20.53 1.52 -22.48
C TYR A 41 19.75 0.25 -22.30
N TYR A 42 20.24 -0.85 -22.84
CA TYR A 42 19.53 -2.10 -22.66
C TYR A 42 19.63 -2.51 -21.19
N PRO A 43 18.52 -2.63 -20.46
CA PRO A 43 18.50 -2.95 -19.04
C PRO A 43 18.89 -4.39 -18.72
N ASP A 44 18.85 -5.27 -19.70
CA ASP A 44 19.15 -6.65 -19.45
C ASP A 44 19.75 -7.35 -20.67
N GLU A 45 19.82 -8.68 -20.58
CA GLU A 45 20.41 -9.55 -21.60
C GLU A 45 19.32 -10.40 -22.27
N ILE A 46 18.07 -9.92 -22.23
CA ILE A 46 16.94 -10.66 -22.76
C ILE A 46 16.46 -10.20 -24.11
N PHE A 47 16.38 -11.11 -25.05
CA PHE A 47 15.88 -10.73 -26.36
C PHE A 47 14.37 -10.62 -26.33
N ARG A 48 13.87 -9.52 -26.84
CA ARG A 48 12.46 -9.27 -26.97
C ARG A 48 12.28 -8.61 -28.31
N SER A 49 11.12 -8.72 -28.92
CA SER A 49 10.86 -8.01 -30.17
C SER A 49 9.39 -7.69 -30.32
N ASP A 50 9.09 -6.71 -31.18
CA ASP A 50 7.70 -6.34 -31.46
C ASP A 50 6.90 -6.09 -30.18
N THR A 51 7.50 -5.40 -29.23
CA THR A 51 6.83 -5.19 -27.96
C THR A 51 7.20 -3.95 -27.19
N LEU A 52 6.33 -3.59 -26.27
CA LEU A 52 6.62 -2.50 -25.35
C LEU A 52 6.86 -3.06 -23.96
N TYR A 53 8.04 -2.81 -23.44
CA TYR A 53 8.44 -3.34 -22.15
C TYR A 53 8.53 -2.25 -21.10
N LEU A 54 7.88 -2.43 -19.96
CA LEU A 54 7.93 -1.38 -18.94
C LEU A 54 8.93 -1.76 -17.84
N THR A 55 9.78 -0.81 -17.43
CA THR A 55 10.75 -1.11 -16.37
C THR A 55 11.24 0.08 -15.55
N GLN A 56 11.63 -0.19 -14.30
CA GLN A 56 12.21 0.85 -13.45
C GLN A 56 13.68 0.59 -13.23
N ASP A 57 14.49 1.59 -13.54
CA ASP A 57 15.94 1.45 -13.38
C ASP A 57 16.55 2.82 -13.34
N LEU A 58 17.86 2.90 -13.19
CA LEU A 58 18.47 4.19 -13.19
C LEU A 58 18.77 4.62 -14.61
N PHE A 59 18.07 5.64 -15.05
CA PHE A 59 18.16 6.14 -16.42
C PHE A 59 18.39 7.62 -16.41
N LEU A 60 18.97 8.16 -17.47
CA LEU A 60 19.08 9.60 -17.55
C LEU A 60 17.67 10.06 -17.93
N PRO A 61 16.99 10.93 -17.17
CA PRO A 61 15.65 11.41 -17.46
C PRO A 61 15.64 12.22 -18.75
N PHE A 62 14.55 12.19 -19.48
CA PHE A 62 14.52 12.97 -20.69
C PHE A 62 14.46 14.45 -20.36
N TYR A 63 15.18 15.21 -21.15
CA TYR A 63 15.31 16.65 -21.05
C TYR A 63 15.87 17.10 -19.72
N SER A 64 16.71 16.25 -19.12
CA SER A 64 17.38 16.56 -17.88
C SER A 64 18.52 17.56 -18.12
N ASN A 65 19.05 17.98 -17.00
CA ASN A 65 20.14 18.92 -17.06
C ASN A 65 21.48 18.25 -16.99
N VAL A 66 22.27 18.51 -17.99
CA VAL A 66 23.57 17.90 -18.17
C VAL A 66 24.60 19.01 -18.25
N THR A 67 25.64 18.93 -17.42
CA THR A 67 26.64 19.98 -17.33
C THR A 67 27.67 19.85 -18.42
N GLY A 68 28.00 20.97 -19.07
CA GLY A 68 29.04 20.91 -20.10
C GLY A 68 30.38 21.26 -19.50
N PHE A 69 31.41 20.60 -20.00
CA PHE A 69 32.79 20.83 -19.59
C PHE A 69 33.60 20.97 -20.85
N HIS A 70 34.64 21.78 -20.84
CA HIS A 70 35.44 21.85 -22.05
C HIS A 70 36.90 21.58 -21.78
N THR A 71 37.56 21.05 -22.80
CA THR A 71 38.99 20.83 -22.81
C THR A 71 39.48 21.49 -24.10
N ILE A 72 39.23 22.80 -24.19
CA ILE A 72 39.47 23.56 -25.40
C ILE A 72 40.46 24.74 -25.24
N PHE A 76 40.37 23.65 -19.43
CA PHE A 76 40.47 22.22 -19.17
C PHE A 76 39.75 21.89 -17.88
N GLY A 77 38.46 21.75 -17.99
CA GLY A 77 37.62 21.64 -16.83
C GLY A 77 37.58 20.23 -16.30
N ASN A 78 38.51 19.89 -15.42
CA ASN A 78 38.53 18.52 -14.90
C ASN A 78 38.63 18.44 -13.36
N PRO A 79 37.63 18.95 -12.62
CA PRO A 79 37.51 18.96 -11.19
C PRO A 79 37.03 17.62 -10.75
N VAL A 80 37.00 17.38 -9.45
CA VAL A 80 36.33 16.17 -9.01
C VAL A 80 34.83 16.41 -9.14
N ILE A 81 34.15 15.49 -9.82
CA ILE A 81 32.72 15.57 -10.09
C ILE A 81 31.96 14.52 -9.28
N PRO A 82 30.94 14.86 -8.49
CA PRO A 82 30.17 13.93 -7.69
C PRO A 82 29.57 12.84 -8.57
N PHE A 83 29.53 11.62 -8.03
CA PHE A 83 29.00 10.45 -8.74
C PHE A 83 27.49 10.32 -8.53
N LYS A 84 27.03 10.53 -7.30
CA LYS A 84 25.60 10.44 -6.94
C LYS A 84 24.93 9.16 -7.41
N ASP A 85 25.56 8.03 -7.15
CA ASP A 85 25.09 6.69 -7.48
C ASP A 85 24.95 6.36 -8.97
N GLY A 86 25.36 7.25 -9.87
CA GLY A 86 25.24 6.94 -11.27
C GLY A 86 25.41 8.15 -12.17
N ILE A 87 26.30 7.94 -13.13
CA ILE A 87 26.74 8.94 -14.08
C ILE A 87 26.52 8.70 -15.52
N TYR A 88 26.00 9.72 -16.15
CA TYR A 88 25.89 9.68 -17.59
C TYR A 88 27.04 10.50 -18.09
N PHE A 89 27.96 9.88 -18.79
CA PHE A 89 29.14 10.59 -19.22
C PHE A 89 29.25 10.52 -20.71
N ALA A 90 29.50 11.64 -21.33
CA ALA A 90 29.64 11.59 -22.76
C ALA A 90 30.66 12.56 -23.22
N ALA A 91 31.27 12.27 -24.33
CA ALA A 91 32.22 13.22 -24.84
C ALA A 91 32.30 13.22 -26.33
N THR A 92 32.67 14.36 -26.85
CA THR A 92 32.87 14.52 -28.27
C THR A 92 34.34 14.61 -28.46
N GLU A 93 34.79 13.84 -29.44
CA GLU A 93 36.20 13.66 -29.66
C GLU A 93 36.68 13.80 -31.11
N LYS A 94 37.97 14.09 -31.25
CA LYS A 94 38.61 14.12 -32.56
C LYS A 94 40.07 13.70 -32.47
N SER A 95 40.62 13.72 -31.25
CA SER A 95 42.05 13.48 -31.08
C SER A 95 42.39 12.66 -29.85
N ASN A 96 41.49 11.79 -29.43
CA ASN A 96 41.67 10.95 -28.26
C ASN A 96 42.07 11.73 -27.02
N VAL A 97 41.42 12.86 -26.76
CA VAL A 97 41.69 13.67 -25.59
C VAL A 97 41.26 12.96 -24.32
N VAL A 98 40.08 12.36 -24.34
CA VAL A 98 39.63 11.67 -23.13
C VAL A 98 40.03 10.20 -23.19
N ARG A 99 40.84 9.77 -22.23
CA ARG A 99 41.36 8.41 -22.18
C ARG A 99 40.67 7.57 -21.14
N GLY A 100 40.18 8.20 -20.09
CA GLY A 100 39.62 7.39 -19.03
C GLY A 100 39.02 8.14 -17.87
N TRP A 101 38.80 7.38 -16.81
CA TRP A 101 38.17 7.89 -15.59
C TRP A 101 38.80 7.36 -14.32
N VAL A 102 38.74 8.15 -13.27
CA VAL A 102 39.11 7.65 -11.95
C VAL A 102 37.89 7.78 -11.07
N PHE A 103 37.44 6.67 -10.50
CA PHE A 103 36.28 6.71 -9.62
C PHE A 103 36.71 6.38 -8.22
N GLY A 104 36.25 7.14 -7.27
CA GLY A 104 36.64 6.91 -5.89
C GLY A 104 35.88 7.80 -4.96
N SER A 105 36.49 8.15 -3.84
CA SER A 105 35.89 8.98 -2.82
C SER A 105 36.86 10.05 -2.34
N THR A 106 37.93 9.62 -1.70
CA THR A 106 38.90 10.57 -1.16
C THR A 106 39.95 10.98 -2.17
N MET A 107 40.07 10.24 -3.26
CA MET A 107 41.04 10.50 -4.32
C MET A 107 42.48 10.58 -3.82
N ASN A 108 42.81 9.69 -2.91
CA ASN A 108 44.14 9.57 -2.33
C ASN A 108 44.37 8.12 -1.91
N ASN A 109 45.48 7.86 -1.26
CA ASN A 109 45.81 6.48 -0.93
C ASN A 109 45.24 6.03 0.40
N LYS A 110 44.31 6.79 0.96
CA LYS A 110 43.67 6.41 2.19
C LYS A 110 42.40 5.63 1.90
N SER A 111 42.03 5.51 0.62
CA SER A 111 40.82 4.78 0.28
C SER A 111 40.92 4.12 -1.09
N GLN A 112 40.17 3.04 -1.28
CA GLN A 112 40.18 2.34 -2.55
C GLN A 112 39.59 3.17 -3.66
N SER A 113 40.22 3.12 -4.83
CA SER A 113 39.72 3.81 -5.99
C SER A 113 40.03 3.00 -7.24
N VAL A 114 39.29 3.26 -8.29
CA VAL A 114 39.51 2.53 -9.53
C VAL A 114 39.90 3.41 -10.69
N ILE A 115 40.92 2.97 -11.38
CA ILE A 115 41.38 3.67 -12.54
C ILE A 115 41.01 2.91 -13.80
N ILE A 116 40.25 3.54 -14.67
CA ILE A 116 39.88 2.92 -15.94
C ILE A 116 40.52 3.68 -17.06
N ILE A 117 41.57 3.12 -17.65
CA ILE A 117 42.28 3.88 -18.67
C ILE A 117 42.51 3.16 -19.98
N ASN A 118 42.25 3.86 -21.07
CA ASN A 118 42.59 3.36 -22.38
C ASN A 118 43.98 3.89 -22.66
N ASN A 119 44.97 3.01 -22.66
CA ASN A 119 46.37 3.42 -22.77
C ASN A 119 46.91 3.36 -24.21
N SER A 120 46.00 3.28 -25.19
CA SER A 120 46.28 3.19 -26.63
C SER A 120 46.80 1.83 -27.05
N THR A 121 46.86 0.90 -26.11
CA THR A 121 47.25 -0.48 -26.36
C THR A 121 46.09 -1.37 -26.01
N ASN A 122 45.59 -1.20 -24.80
CA ASN A 122 44.50 -1.96 -24.22
C ASN A 122 43.79 -1.16 -23.12
N VAL A 123 42.78 -1.73 -22.52
CA VAL A 123 42.11 -1.07 -21.43
C VAL A 123 42.55 -1.67 -20.13
N VAL A 124 43.04 -0.82 -19.26
CA VAL A 124 43.57 -1.25 -18.00
C VAL A 124 42.70 -0.81 -16.87
N ILE A 125 42.21 -1.77 -16.11
CA ILE A 125 41.37 -1.43 -14.99
C ILE A 125 42.00 -1.91 -13.70
N ARG A 126 42.22 -1.00 -12.75
CA ARG A 126 42.79 -1.41 -11.48
C ARG A 126 42.10 -0.79 -10.28
N ALA A 127 41.85 -1.61 -9.28
CA ALA A 127 41.24 -1.17 -8.01
C ALA A 127 42.23 -1.37 -6.87
N CYS A 128 42.76 -0.25 -6.30
CA CYS A 128 43.82 -0.23 -5.29
C CYS A 128 43.74 1.04 -4.45
N ASN A 129 44.49 1.09 -3.35
CA ASN A 129 44.60 2.33 -2.59
C ASN A 129 45.73 3.12 -3.23
N PHE A 130 45.44 3.67 -4.39
CA PHE A 130 46.43 4.32 -5.22
C PHE A 130 46.97 5.63 -4.74
N GLU A 131 48.25 5.80 -4.98
CA GLU A 131 48.88 7.07 -4.70
C GLU A 131 48.68 7.94 -5.91
N LEU A 132 47.46 8.46 -6.00
CA LEU A 132 46.95 9.23 -7.14
C LEU A 132 47.58 10.62 -7.20
N CYS A 133 47.75 11.13 -8.44
CA CYS A 133 48.29 12.45 -8.78
C CYS A 133 47.26 13.55 -8.55
N ASP A 134 47.73 14.74 -8.16
CA ASP A 134 46.83 15.90 -8.07
C ASP A 134 46.58 16.41 -9.46
N ASN A 135 47.60 16.33 -10.32
CA ASN A 135 47.49 16.82 -11.68
C ASN A 135 47.91 15.77 -12.71
N PRO A 136 47.11 14.69 -12.89
CA PRO A 136 47.38 13.54 -13.75
C PRO A 136 47.23 13.84 -15.23
N PHE A 137 47.88 13.00 -16.03
CA PHE A 137 47.73 12.96 -17.48
C PHE A 137 48.20 11.67 -18.10
N PHE A 138 47.78 11.43 -19.33
CA PHE A 138 48.35 10.33 -20.10
C PHE A 138 49.06 10.84 -21.39
N ALA A 139 50.40 10.67 -21.49
CA ALA A 139 51.23 11.12 -22.62
C ALA A 139 51.58 9.89 -23.46
N HIS A 149 54.81 8.96 -21.30
CA HIS A 149 54.71 8.91 -19.83
C HIS A 149 53.28 8.81 -19.32
N THR A 150 53.10 7.92 -18.36
CA THR A 150 51.80 7.78 -17.74
C THR A 150 51.88 8.44 -16.39
N MET A 151 51.03 9.42 -16.14
CA MET A 151 51.04 10.14 -14.89
C MET A 151 49.70 10.01 -14.22
N ILE A 152 49.40 8.83 -13.68
CA ILE A 152 48.10 8.63 -13.06
C ILE A 152 48.29 8.42 -11.56
N PHE A 153 49.26 7.57 -11.23
CA PHE A 153 49.59 7.24 -9.85
C PHE A 153 51.08 6.94 -9.73
N ASP A 154 51.63 7.06 -8.52
CA ASP A 154 53.04 6.71 -8.27
C ASP A 154 53.22 5.27 -7.83
N ASN A 155 52.28 4.77 -7.07
CA ASN A 155 52.35 3.43 -6.51
C ASN A 155 50.96 2.88 -6.29
N ALA A 156 50.88 1.64 -5.80
CA ALA A 156 49.59 1.01 -5.52
C ALA A 156 49.69 -0.02 -4.42
N PHE A 157 48.69 -0.03 -3.56
CA PHE A 157 48.65 -0.96 -2.44
C PHE A 157 47.29 -1.62 -2.26
N ASN A 158 47.26 -2.83 -1.62
CA ASN A 158 46.01 -3.51 -1.22
C ASN A 158 44.99 -3.61 -2.37
N CYS A 159 45.45 -4.08 -3.56
CA CYS A 159 44.65 -4.19 -4.77
C CYS A 159 43.56 -5.27 -4.66
N THR A 160 42.34 -4.92 -5.09
CA THR A 160 41.22 -5.85 -5.03
C THR A 160 40.87 -6.38 -6.40
N PHE A 161 41.26 -5.65 -7.42
CA PHE A 161 40.89 -6.06 -8.78
C PHE A 161 41.86 -5.57 -9.84
N GLU A 162 42.18 -6.44 -10.78
CA GLU A 162 42.96 -6.00 -11.92
C GLU A 162 42.56 -6.76 -13.16
N TYR A 163 42.37 -6.01 -14.22
CA TYR A 163 42.03 -6.56 -15.51
C TYR A 163 42.68 -5.84 -16.68
N ILE A 164 43.19 -6.62 -17.61
CA ILE A 164 43.74 -6.04 -18.82
C ILE A 164 42.93 -6.56 -19.97
N SER A 165 42.43 -5.68 -20.80
CA SER A 165 41.63 -6.06 -21.94
C SER A 165 42.48 -6.48 -23.10
N ASP A 166 41.81 -6.97 -24.12
CA ASP A 166 42.41 -7.32 -25.38
C ASP A 166 42.91 -6.03 -25.99
N ALA A 167 43.89 -6.13 -26.89
CA ALA A 167 44.46 -4.94 -27.51
C ALA A 167 43.50 -4.28 -28.48
N PHE A 168 43.63 -2.96 -28.56
CA PHE A 168 42.84 -2.13 -29.46
C PHE A 168 43.75 -1.24 -30.32
N LYS A 180 34.16 14.93 -34.26
CA LYS A 180 33.46 14.00 -35.14
C LYS A 180 32.88 12.76 -34.49
N HIS A 181 33.25 12.48 -33.25
CA HIS A 181 32.80 11.24 -32.65
C HIS A 181 32.14 11.40 -31.29
N LEU A 182 30.88 10.95 -31.14
CA LEU A 182 30.25 11.03 -29.83
C LEU A 182 30.29 9.70 -29.16
N ARG A 183 30.94 9.66 -28.01
CA ARG A 183 31.06 8.45 -27.25
C ARG A 183 30.22 8.60 -25.99
N GLU A 184 29.33 7.65 -25.76
CA GLU A 184 28.48 7.78 -24.60
C GLU A 184 28.63 6.62 -23.67
N PHE A 185 28.70 6.92 -22.38
CA PHE A 185 28.85 5.92 -21.36
C PHE A 185 27.91 6.07 -20.20
N VAL A 186 27.58 4.94 -19.60
CA VAL A 186 26.80 5.00 -18.37
C VAL A 186 27.56 4.28 -17.31
N PHE A 187 27.80 4.95 -16.18
CA PHE A 187 28.47 4.33 -15.06
C PHE A 187 27.54 4.21 -13.86
N LYS A 188 27.10 2.98 -13.59
CA LYS A 188 26.13 2.70 -12.53
C LYS A 188 26.75 1.93 -11.38
N ASN A 189 26.39 2.27 -10.13
CA ASN A 189 26.98 1.55 -9.00
C ASN A 189 25.98 0.75 -8.18
N LYS A 190 26.13 -0.57 -8.19
CA LYS A 190 25.20 -1.40 -7.44
C LYS A 190 25.83 -2.70 -6.91
N ASP A 191 25.71 -2.91 -5.60
CA ASP A 191 26.17 -4.11 -4.90
C ASP A 191 27.65 -4.46 -5.12
N GLY A 192 28.53 -3.47 -5.15
CA GLY A 192 29.96 -3.72 -5.33
C GLY A 192 30.40 -3.71 -6.79
N PHE A 193 29.43 -3.64 -7.71
CA PHE A 193 29.74 -3.63 -9.12
C PHE A 193 29.61 -2.30 -9.82
N LEU A 194 30.58 -2.03 -10.67
CA LEU A 194 30.49 -0.87 -11.51
C LEU A 194 30.04 -1.35 -12.87
N TYR A 195 28.83 -0.95 -13.23
CA TYR A 195 28.20 -1.40 -14.45
C TYR A 195 28.45 -0.38 -15.50
N VAL A 196 29.01 -0.81 -16.61
CA VAL A 196 29.35 0.16 -17.63
C VAL A 196 28.72 -0.18 -18.96
N TYR A 197 28.03 0.81 -19.52
CA TYR A 197 27.40 0.74 -20.82
C TYR A 197 28.11 1.67 -21.77
N LYS A 198 28.10 1.32 -23.05
CA LYS A 198 28.74 2.13 -24.08
C LYS A 198 27.95 2.22 -25.37
N GLY A 199 28.13 3.32 -26.09
CA GLY A 199 27.59 3.43 -27.43
C GLY A 199 28.27 4.54 -28.22
N TYR A 200 27.93 4.60 -29.49
CA TYR A 200 28.56 5.54 -30.41
C TYR A 200 27.70 6.07 -31.54
N GLN A 201 27.88 7.34 -31.82
CA GLN A 201 27.22 7.95 -32.96
C GLN A 201 28.18 8.94 -33.66
N PRO A 202 28.30 8.94 -35.01
CA PRO A 202 29.04 9.95 -35.75
C PRO A 202 28.37 11.30 -35.52
N ILE A 203 29.16 12.31 -35.20
CA ILE A 203 28.63 13.64 -34.93
C ILE A 203 29.44 14.72 -35.60
N ASP A 204 28.99 15.97 -35.54
CA ASP A 204 29.80 17.10 -36.00
C ASP A 204 29.47 18.35 -35.14
N VAL A 205 30.27 18.58 -34.10
CA VAL A 205 30.01 19.70 -33.16
C VAL A 205 31.22 20.50 -32.77
N LEU A 209 25.73 19.65 -27.33
CA LEU A 209 25.40 18.24 -27.22
C LEU A 209 24.41 17.81 -28.31
N PRO A 210 24.76 16.90 -29.21
CA PRO A 210 23.87 16.45 -30.26
C PRO A 210 22.58 15.88 -29.68
N SER A 211 21.46 16.17 -30.31
CA SER A 211 20.17 15.65 -29.89
C SER A 211 19.88 14.37 -30.64
N GLY A 212 19.14 13.47 -30.03
CA GLY A 212 18.79 12.22 -30.70
C GLY A 212 18.57 11.12 -29.69
N PHE A 213 18.48 9.89 -30.19
CA PHE A 213 18.26 8.73 -29.36
C PHE A 213 19.32 7.72 -29.78
N ASN A 214 20.02 7.14 -28.82
CA ASN A 214 21.11 6.20 -29.08
C ASN A 214 21.10 5.12 -28.04
N THR A 215 20.56 3.96 -28.35
CA THR A 215 20.48 2.96 -27.32
C THR A 215 21.90 2.46 -27.03
N LEU A 216 22.29 2.41 -25.76
CA LEU A 216 23.65 1.98 -25.40
C LEU A 216 23.66 0.49 -25.03
N LYS A 217 24.81 -0.17 -25.21
CA LYS A 217 24.95 -1.60 -24.94
C LYS A 217 25.85 -1.84 -23.73
N PRO A 218 25.69 -2.92 -22.95
CA PRO A 218 26.54 -3.22 -21.82
C PRO A 218 27.90 -3.65 -22.27
N ILE A 219 28.93 -3.28 -21.51
CA ILE A 219 30.27 -3.78 -21.76
C ILE A 219 30.89 -4.48 -20.53
N PHE A 220 30.78 -3.86 -19.34
CA PHE A 220 31.39 -4.43 -18.14
C PHE A 220 30.49 -4.48 -16.92
N LYS A 221 30.77 -5.45 -16.06
CA LYS A 221 30.22 -5.55 -14.72
C LYS A 221 31.41 -5.79 -13.84
N LEU A 222 32.02 -4.73 -13.36
CA LEU A 222 33.28 -4.87 -12.67
C LEU A 222 33.13 -5.10 -11.16
N PRO A 223 33.62 -6.23 -10.62
CA PRO A 223 33.54 -6.62 -9.22
C PRO A 223 34.62 -5.89 -8.46
N LEU A 224 34.43 -4.60 -8.24
CA LEU A 224 35.53 -3.82 -7.69
C LEU A 224 35.50 -3.76 -6.18
N GLY A 225 34.28 -3.72 -5.63
CA GLY A 225 34.11 -3.59 -4.20
C GLY A 225 34.38 -2.17 -3.66
N ILE A 226 34.19 -1.14 -4.49
CA ILE A 226 34.51 0.23 -4.07
C ILE A 226 33.28 1.13 -3.89
N ASN A 227 33.21 1.80 -2.73
CA ASN A 227 32.12 2.76 -2.51
C ASN A 227 32.52 4.10 -3.11
N ILE A 228 32.08 4.33 -4.33
CA ILE A 228 32.37 5.52 -5.17
C ILE A 228 31.44 6.69 -4.90
N THR A 229 32.02 7.86 -4.61
CA THR A 229 31.21 9.03 -4.35
C THR A 229 31.47 10.13 -5.37
N ASN A 230 32.62 10.09 -6.08
CA ASN A 230 33.00 11.10 -7.07
C ASN A 230 34.00 10.61 -8.14
N PHE A 231 34.29 11.45 -9.15
CA PHE A 231 35.25 11.03 -10.18
C PHE A 231 35.96 12.15 -10.94
N ARG A 232 37.04 11.78 -11.62
CA ARG A 232 37.76 12.70 -12.53
C ARG A 232 38.04 12.05 -13.86
N ALA A 233 38.17 12.86 -14.90
CA ALA A 233 38.54 12.33 -16.21
C ALA A 233 40.05 12.15 -16.31
N ILE A 234 40.46 11.23 -17.13
CA ILE A 234 41.86 11.10 -17.47
C ILE A 234 42.03 11.65 -18.85
N LEU A 235 42.79 12.73 -18.92
CA LEU A 235 42.97 13.42 -20.17
C LEU A 235 44.37 13.22 -20.71
N THR A 236 44.47 13.27 -22.03
CA THR A 236 45.70 13.18 -22.79
C THR A 236 46.56 14.41 -22.68
N ALA A 237 47.85 14.19 -22.52
CA ALA A 237 48.82 15.28 -22.50
C ALA A 237 49.20 15.66 -23.94
N ALA A 250 38.58 18.76 -27.22
CA ALA A 250 37.39 17.95 -26.91
C ALA A 250 36.50 18.70 -25.93
N ALA A 251 35.33 18.08 -25.64
CA ALA A 251 34.34 18.58 -24.68
C ALA A 251 33.67 17.37 -24.09
N TYR A 252 33.14 17.53 -22.90
CA TYR A 252 32.45 16.40 -22.31
C TYR A 252 31.26 16.87 -21.51
N PHE A 253 30.38 15.92 -21.24
CA PHE A 253 29.16 16.27 -20.58
C PHE A 253 28.89 15.31 -19.44
N VAL A 254 28.34 15.82 -18.34
CA VAL A 254 27.96 14.92 -17.26
C VAL A 254 26.55 15.11 -16.75
N GLY A 255 25.79 14.03 -16.75
CA GLY A 255 24.43 14.06 -16.23
C GLY A 255 24.31 13.05 -15.11
N TYR A 256 23.12 12.95 -14.53
CA TYR A 256 22.92 12.01 -13.43
C TYR A 256 21.74 11.12 -13.67
N LEU A 257 21.84 9.89 -13.20
CA LEU A 257 20.77 8.91 -13.38
C LEU A 257 19.76 9.00 -12.24
N LYS A 258 18.51 8.67 -12.53
CA LYS A 258 17.46 8.66 -11.53
C LYS A 258 16.62 7.39 -11.67
N PRO A 259 15.99 6.87 -10.60
CA PRO A 259 15.16 5.66 -10.61
C PRO A 259 13.78 5.90 -11.18
N THR A 260 13.76 6.29 -12.44
CA THR A 260 12.55 6.59 -13.17
C THR A 260 12.03 5.37 -13.88
N THR A 261 10.80 5.47 -14.35
CA THR A 261 10.19 4.39 -15.10
C THR A 261 10.18 4.70 -16.58
N PHE A 262 10.65 3.75 -17.35
CA PHE A 262 10.62 3.85 -18.79
C PHE A 262 9.85 2.77 -19.48
N MET A 263 9.21 3.16 -20.55
CA MET A 263 8.58 2.20 -21.43
C MET A 263 9.47 2.12 -22.63
N LEU A 264 9.97 0.94 -22.92
CA LEU A 264 10.92 0.77 -24.01
C LEU A 264 10.29 0.06 -25.19
N LYS A 265 10.46 0.67 -26.36
CA LYS A 265 9.90 0.11 -27.58
C LYS A 265 10.90 -0.62 -28.43
N TYR A 266 10.63 -1.92 -28.63
CA TYR A 266 11.47 -2.78 -29.43
C TYR A 266 10.90 -2.92 -30.82
N ASP A 267 11.78 -2.92 -31.82
CA ASP A 267 11.35 -3.11 -33.19
C ASP A 267 11.31 -4.59 -33.52
N GLU A 268 11.09 -4.90 -34.80
CA GLU A 268 10.92 -6.27 -35.24
C GLU A 268 12.18 -7.14 -35.13
N ASN A 269 13.34 -6.51 -34.96
CA ASN A 269 14.58 -7.25 -34.90
C ASN A 269 15.10 -7.25 -33.46
N GLY A 270 14.29 -6.74 -32.54
CA GLY A 270 14.65 -6.66 -31.13
C GLY A 270 15.54 -5.49 -30.73
N THR A 271 15.58 -4.42 -31.53
CA THR A 271 16.39 -3.25 -31.19
C THR A 271 15.52 -2.24 -30.47
N ILE A 272 16.03 -1.62 -29.40
CA ILE A 272 15.17 -0.59 -28.80
C ILE A 272 15.32 0.64 -29.66
N THR A 273 14.21 1.09 -30.23
CA THR A 273 14.24 2.22 -31.13
C THR A 273 13.58 3.44 -30.54
N ASP A 274 12.73 3.28 -29.53
CA ASP A 274 12.13 4.45 -28.92
C ASP A 274 11.84 4.23 -27.44
N ALA A 275 11.35 5.26 -26.75
CA ALA A 275 11.05 5.14 -25.34
C ALA A 275 10.17 6.26 -24.78
N VAL A 276 9.49 5.97 -23.69
CA VAL A 276 8.73 6.99 -22.97
C VAL A 276 9.24 7.20 -21.57
N ASP A 277 9.57 8.45 -21.26
CA ASP A 277 10.00 8.82 -19.92
C ASP A 277 8.74 9.10 -19.13
N CYS A 278 8.34 8.11 -18.32
CA CYS A 278 7.06 7.99 -17.66
C CYS A 278 6.81 9.10 -16.63
N SER A 279 7.87 9.80 -16.20
CA SER A 279 7.69 10.86 -15.19
C SER A 279 7.91 12.27 -15.72
N GLN A 280 8.10 12.42 -17.03
CA GLN A 280 8.38 13.74 -17.55
C GLN A 280 7.24 14.75 -17.40
N ASN A 281 6.02 14.36 -17.74
CA ASN A 281 4.86 15.25 -17.67
C ASN A 281 3.60 14.35 -17.61
N PRO A 282 2.38 14.88 -17.42
CA PRO A 282 1.16 14.12 -17.36
C PRO A 282 0.81 13.35 -18.62
N LEU A 283 1.34 13.74 -19.78
CA LEU A 283 0.99 13.01 -20.97
C LEU A 283 1.84 11.79 -21.05
N ALA A 284 3.09 11.94 -20.64
CA ALA A 284 3.99 10.82 -20.63
C ALA A 284 3.45 9.76 -19.67
N GLU A 285 2.87 10.23 -18.56
CA GLU A 285 2.29 9.33 -17.59
C GLU A 285 1.13 8.57 -18.22
N LEU A 286 0.31 9.28 -18.98
CA LEU A 286 -0.81 8.65 -19.66
C LEU A 286 -0.32 7.63 -20.68
N LYS A 287 0.73 7.95 -21.43
CA LYS A 287 1.24 6.98 -22.37
C LYS A 287 1.62 5.64 -21.67
N CYS A 288 2.23 5.69 -20.44
CA CYS A 288 2.55 4.48 -19.66
C CYS A 288 1.25 3.79 -19.22
N SER A 289 0.27 4.57 -18.75
CA SER A 289 -0.96 4.03 -18.20
C SER A 289 -1.73 3.15 -19.16
N VAL A 290 -1.79 3.56 -20.42
CA VAL A 290 -2.53 2.78 -21.39
C VAL A 290 -1.61 2.01 -22.34
N LYS A 291 -0.33 1.98 -22.01
CA LYS A 291 0.70 1.30 -22.79
C LYS A 291 0.69 1.66 -24.28
N SER A 292 0.77 2.96 -24.57
CA SER A 292 0.72 3.45 -25.94
C SER A 292 1.54 4.67 -26.21
N PHE A 293 2.02 4.81 -27.42
CA PHE A 293 2.74 6.03 -27.80
C PHE A 293 1.82 7.09 -28.34
N GLU A 294 0.54 6.75 -28.50
CA GLU A 294 -0.49 7.67 -28.99
C GLU A 294 -1.79 7.55 -28.19
N ILE A 295 -2.46 8.68 -27.99
CA ILE A 295 -3.74 8.76 -27.27
C ILE A 295 -4.79 9.34 -28.21
N ASP A 296 -5.98 8.73 -28.25
CA ASP A 296 -7.05 9.18 -29.14
C ASP A 296 -7.88 10.38 -28.68
N LYS A 297 -8.54 10.32 -27.52
CA LYS A 297 -9.33 11.46 -26.98
C LYS A 297 -10.04 11.14 -25.66
N GLY A 298 -10.28 12.16 -24.84
CA GLY A 298 -11.19 11.97 -23.70
C GLY A 298 -10.55 12.09 -22.34
N ILE A 299 -11.21 11.51 -21.34
CA ILE A 299 -10.72 11.55 -19.98
C ILE A 299 -10.05 10.28 -19.62
N TYR A 300 -8.79 10.37 -19.28
CA TYR A 300 -8.09 9.21 -18.87
C TYR A 300 -7.58 9.29 -17.46
N GLN A 301 -8.04 8.39 -16.61
CA GLN A 301 -7.55 8.41 -15.25
C GLN A 301 -6.28 7.62 -15.24
N THR A 302 -5.22 8.19 -14.68
CA THR A 302 -3.96 7.47 -14.70
C THR A 302 -3.46 7.06 -13.34
N SER A 303 -3.78 7.85 -12.34
CA SER A 303 -3.24 7.58 -11.03
C SER A 303 -4.03 8.22 -9.95
N ASN A 304 -3.36 8.45 -8.83
CA ASN A 304 -3.93 9.09 -7.67
C ASN A 304 -2.91 10.07 -7.17
N PHE A 305 -3.25 10.81 -6.16
CA PHE A 305 -2.31 11.74 -5.60
C PHE A 305 -2.56 11.95 -4.14
N ARG A 306 -1.55 12.47 -3.48
CA ARG A 306 -1.68 12.87 -2.10
C ARG A 306 -0.67 13.90 -1.70
N VAL A 307 -1.00 14.58 -0.62
CA VAL A 307 -0.09 15.53 -0.03
C VAL A 307 0.82 14.82 0.96
N VAL A 308 2.09 15.09 0.82
CA VAL A 308 3.15 14.53 1.63
C VAL A 308 3.27 15.34 2.92
N PRO A 309 3.29 14.71 4.10
CA PRO A 309 3.43 15.34 5.40
C PRO A 309 4.68 16.16 5.51
N SER A 310 4.59 17.26 6.27
CA SER A 310 5.71 18.15 6.50
C SER A 310 6.39 17.81 7.83
N GLY A 311 5.93 18.40 8.92
CA GLY A 311 6.54 18.14 10.22
C GLY A 311 6.00 16.90 10.92
N ASP A 312 6.46 16.71 12.16
CA ASP A 312 6.12 15.57 13.01
C ASP A 312 5.60 16.02 14.36
N VAL A 313 4.41 15.63 14.72
CA VAL A 313 3.86 16.00 16.01
C VAL A 313 3.85 14.81 16.94
N VAL A 314 4.73 14.87 17.92
CA VAL A 314 4.91 13.81 18.88
C VAL A 314 4.62 14.30 20.28
N ARG A 315 3.64 13.72 20.94
CA ARG A 315 3.25 14.22 22.24
C ARG A 315 3.16 13.14 23.31
N PHE A 316 4.12 13.12 24.23
CA PHE A 316 4.11 12.15 25.31
C PHE A 316 3.80 12.85 26.63
N PRO A 317 3.22 12.15 27.64
CA PRO A 317 2.88 12.66 28.97
C PRO A 317 4.11 13.15 29.72
N ASN A 318 3.91 14.06 30.71
CA ASN A 318 4.98 14.67 31.51
C ASN A 318 5.45 13.70 32.62
N ILE A 319 6.14 12.64 32.19
CA ILE A 319 6.69 11.59 33.03
C ILE A 319 8.19 11.75 33.12
N THR A 320 8.67 12.01 34.33
CA THR A 320 10.07 12.29 34.54
C THR A 320 10.84 11.30 35.41
N ASN A 321 10.15 10.35 36.06
CA ASN A 321 10.87 9.45 36.95
C ASN A 321 11.39 8.24 36.17
N LEU A 322 12.08 7.33 36.83
CA LEU A 322 12.59 6.14 36.14
C LEU A 322 11.97 4.90 36.77
N CYS A 323 11.59 3.90 35.93
CA CYS A 323 10.93 2.68 36.39
C CYS A 323 11.87 1.77 37.20
N PRO A 324 11.44 1.35 38.40
CA PRO A 324 12.17 0.56 39.35
C PRO A 324 12.23 -0.90 38.98
N PHE A 325 12.96 -1.22 37.92
CA PHE A 325 13.04 -2.60 37.49
C PHE A 325 13.95 -3.40 38.42
N GLY A 326 14.95 -2.79 39.04
CA GLY A 326 15.84 -3.60 39.89
C GLY A 326 15.06 -4.23 41.02
N GLU A 327 14.12 -3.50 41.54
CA GLU A 327 13.27 -3.93 42.64
C GLU A 327 12.40 -5.14 42.29
N VAL A 328 12.25 -5.42 41.01
CA VAL A 328 11.49 -6.52 40.52
C VAL A 328 12.41 -7.70 40.21
N PHE A 329 13.52 -7.43 39.52
CA PHE A 329 14.40 -8.48 39.05
C PHE A 329 15.61 -8.87 39.89
N ASN A 330 16.07 -8.00 40.79
CA ASN A 330 17.25 -8.22 41.67
C ASN A 330 16.94 -8.22 43.14
N ALA A 331 15.80 -8.67 43.57
CA ALA A 331 15.45 -8.62 44.96
C ALA A 331 16.05 -9.80 45.67
N THR A 332 16.32 -9.70 46.97
CA THR A 332 17.00 -10.78 47.59
C THR A 332 15.98 -11.75 47.66
N LYS A 333 14.71 -11.41 48.00
CA LYS A 333 13.79 -12.50 48.29
C LYS A 333 12.64 -12.57 47.33
N PHE A 334 12.32 -13.79 46.90
CA PHE A 334 11.19 -14.09 46.06
C PHE A 334 10.24 -15.03 46.76
N PRO A 335 8.94 -14.93 46.50
CA PRO A 335 7.90 -15.80 46.97
C PRO A 335 7.88 -17.12 46.24
N SER A 336 7.24 -18.10 46.84
CA SER A 336 7.02 -19.39 46.22
C SER A 336 5.94 -19.29 45.17
N VAL A 337 5.89 -20.28 44.30
CA VAL A 337 4.91 -20.22 43.23
C VAL A 337 3.48 -20.33 43.69
N TYR A 338 3.19 -21.04 44.76
CA TYR A 338 1.78 -21.12 45.15
C TYR A 338 1.28 -19.82 45.71
N ALA A 339 2.18 -18.95 46.12
CA ALA A 339 1.83 -17.72 46.76
C ALA A 339 2.63 -16.62 46.15
N TRP A 340 2.45 -16.42 44.86
CA TRP A 340 3.20 -15.45 44.10
C TRP A 340 2.72 -14.08 44.44
N GLU A 341 3.58 -13.09 44.24
CA GLU A 341 3.24 -11.71 44.56
C GLU A 341 3.24 -10.82 43.35
N ARG A 342 2.54 -9.69 43.46
CA ARG A 342 2.46 -8.70 42.40
C ARG A 342 2.78 -7.30 42.86
N LYS A 343 3.57 -6.56 42.07
CA LYS A 343 3.83 -5.16 42.38
C LYS A 343 3.58 -4.27 41.16
N LYS A 344 3.09 -3.06 41.42
CA LYS A 344 2.73 -2.10 40.39
C LYS A 344 3.76 -1.05 40.03
N ILE A 345 4.02 -0.93 38.74
CA ILE A 345 4.93 0.05 38.19
C ILE A 345 4.11 1.18 37.54
N SER A 346 4.38 2.41 37.98
CA SER A 346 3.63 3.54 37.47
C SER A 346 4.40 4.85 37.51
N ASN A 347 3.89 5.83 36.77
CA ASN A 347 4.43 7.19 36.72
C ASN A 347 5.93 7.27 36.47
N CYS A 348 6.42 6.57 35.42
CA CYS A 348 7.86 6.46 35.12
C CYS A 348 8.22 6.22 33.66
N VAL A 349 9.50 6.45 33.36
CA VAL A 349 10.05 6.20 32.06
C VAL A 349 10.66 4.82 32.08
N ALA A 350 10.19 4.00 31.17
CA ALA A 350 10.61 2.63 31.11
C ALA A 350 11.58 2.35 30.03
N ASP A 351 12.81 2.20 30.43
CA ASP A 351 13.84 1.85 29.49
C ASP A 351 13.87 0.36 29.57
N TYR A 352 13.41 -0.33 28.55
CA TYR A 352 13.32 -1.77 28.65
C TYR A 352 14.56 -2.43 28.13
N SER A 353 15.54 -1.64 27.69
CA SER A 353 16.75 -2.23 27.14
C SER A 353 17.55 -2.87 28.26
N VAL A 354 17.26 -2.46 29.49
CA VAL A 354 18.00 -2.92 30.65
C VAL A 354 17.71 -4.37 30.95
N LEU A 355 16.59 -4.89 30.46
CA LEU A 355 16.23 -6.27 30.68
C LEU A 355 16.57 -7.11 29.47
N TYR A 356 16.89 -6.43 28.39
CA TYR A 356 16.97 -7.03 27.07
C TYR A 356 18.34 -7.15 26.40
N ASN A 357 19.19 -6.09 26.45
CA ASN A 357 20.46 -6.04 25.69
C ASN A 357 21.69 -6.57 26.47
N SER A 358 21.48 -7.19 27.65
CA SER A 358 22.48 -7.81 28.52
C SER A 358 21.85 -9.10 29.00
N THR A 359 22.50 -10.23 28.75
CA THR A 359 21.87 -11.49 29.07
C THR A 359 22.17 -12.05 30.43
N PHE A 360 21.09 -12.28 31.16
CA PHE A 360 21.08 -12.87 32.47
C PHE A 360 20.05 -13.94 32.36
N PHE A 361 19.16 -13.70 31.41
CA PHE A 361 17.96 -14.47 31.23
C PHE A 361 18.16 -15.68 30.37
N SER A 362 17.58 -16.81 30.79
CA SER A 362 17.61 -18.01 29.97
C SER A 362 16.39 -17.97 29.08
N THR A 363 15.36 -17.30 29.60
CA THR A 363 14.09 -17.12 28.91
C THR A 363 13.73 -15.67 28.82
N PHE A 364 13.46 -15.21 27.62
CA PHE A 364 12.97 -13.86 27.43
C PHE A 364 11.94 -13.96 26.34
N LYS A 365 10.70 -14.24 26.68
CA LYS A 365 9.72 -14.44 25.63
C LYS A 365 8.53 -13.53 25.82
N CYS A 366 8.19 -12.77 24.77
CA CYS A 366 7.09 -11.80 24.77
C CYS A 366 6.01 -12.24 23.81
N TYR A 367 4.81 -11.86 24.14
CA TYR A 367 3.66 -12.19 23.35
C TYR A 367 3.02 -10.88 22.95
N GLY A 368 2.42 -10.81 21.77
CA GLY A 368 1.72 -9.58 21.38
C GLY A 368 2.68 -8.49 20.88
N VAL A 369 3.51 -8.02 21.80
CA VAL A 369 4.47 -6.98 21.55
C VAL A 369 5.88 -7.53 21.58
N SER A 370 6.60 -7.37 20.49
CA SER A 370 7.96 -7.85 20.42
C SER A 370 8.80 -7.08 21.42
N ALA A 371 9.83 -7.70 21.96
CA ALA A 371 10.63 -7.02 22.97
C ALA A 371 11.22 -5.70 22.51
N THR A 372 11.57 -5.62 21.24
CA THR A 372 12.22 -4.44 20.70
C THR A 372 11.25 -3.30 20.47
N LYS A 373 9.96 -3.57 20.55
CA LYS A 373 8.95 -2.55 20.33
C LYS A 373 8.58 -1.88 21.64
N LEU A 374 9.03 -2.41 22.77
CA LEU A 374 8.57 -1.89 24.05
C LEU A 374 8.95 -0.44 24.33
N ASN A 375 10.08 0.01 23.83
CA ASN A 375 10.51 1.37 24.13
C ASN A 375 9.72 2.41 23.37
N ASP A 376 8.87 2.00 22.44
CA ASP A 376 8.07 2.93 21.68
C ASP A 376 6.64 3.01 22.20
N LEU A 377 6.34 2.28 23.28
CA LEU A 377 4.96 2.21 23.74
C LEU A 377 4.66 2.79 25.13
N CYS A 378 3.41 3.29 25.29
CA CYS A 378 2.84 3.76 26.55
C CYS A 378 1.76 2.81 27.05
N PHE A 379 1.75 2.60 28.36
CA PHE A 379 0.80 1.73 29.00
C PHE A 379 0.09 2.44 30.14
N SER A 380 -1.11 1.97 30.47
CA SER A 380 -1.86 2.56 31.57
C SER A 380 -1.21 2.19 32.87
N ASN A 381 -0.75 0.95 32.97
CA ASN A 381 -0.05 0.41 34.13
C ASN A 381 0.85 -0.76 33.72
N VAL A 382 1.89 -1.04 34.50
CA VAL A 382 2.66 -2.27 34.28
C VAL A 382 2.73 -3.08 35.57
N TYR A 383 2.39 -4.35 35.50
CA TYR A 383 2.44 -5.15 36.72
C TYR A 383 3.43 -6.28 36.62
N ALA A 384 4.17 -6.50 37.69
CA ALA A 384 5.13 -7.59 37.69
C ALA A 384 4.81 -8.67 38.69
N ASP A 385 4.52 -9.86 38.17
CA ASP A 385 4.20 -11.03 38.98
C ASP A 385 5.44 -11.86 39.18
N SER A 386 5.85 -12.11 40.41
CA SER A 386 7.09 -12.83 40.55
C SER A 386 7.04 -14.00 41.50
N PHE A 387 7.81 -15.03 41.14
CA PHE A 387 7.93 -16.28 41.89
C PHE A 387 9.12 -17.20 41.55
N VAL A 388 9.36 -18.19 42.42
CA VAL A 388 10.35 -19.25 42.14
C VAL A 388 9.77 -20.64 41.86
N VAL A 389 10.19 -21.21 40.72
CA VAL A 389 9.82 -22.55 40.21
C VAL A 389 11.03 -23.37 39.76
N LYS A 390 10.85 -24.65 39.40
CA LYS A 390 12.03 -25.39 38.89
C LYS A 390 12.10 -25.30 37.36
N GLY A 391 13.24 -25.66 36.79
CA GLY A 391 13.43 -25.59 35.33
C GLY A 391 12.36 -26.29 34.50
N ASP A 392 11.81 -27.38 34.99
CA ASP A 392 10.80 -28.09 34.22
C ASP A 392 9.39 -27.45 34.37
N ASP A 393 9.29 -26.42 35.19
CA ASP A 393 8.07 -25.66 35.39
C ASP A 393 8.12 -24.38 34.58
N VAL A 394 9.30 -23.91 34.25
CA VAL A 394 9.41 -22.63 33.55
C VAL A 394 8.63 -22.68 32.24
N ARG A 395 8.62 -23.81 31.55
CA ARG A 395 7.90 -23.94 30.29
C ARG A 395 6.37 -23.81 30.46
N GLN A 396 5.86 -23.93 31.68
CA GLN A 396 4.44 -23.85 31.95
C GLN A 396 4.01 -22.42 32.15
N ILE A 397 4.96 -21.49 32.25
CA ILE A 397 4.54 -20.13 32.48
C ILE A 397 4.36 -19.51 31.11
N ALA A 398 3.21 -19.76 30.54
CA ALA A 398 2.89 -19.31 29.21
C ALA A 398 1.38 -19.39 29.00
N PRO A 399 0.80 -18.65 28.05
CA PRO A 399 -0.57 -18.78 27.63
C PRO A 399 -0.77 -20.16 27.01
N GLY A 400 -1.97 -20.72 27.15
CA GLY A 400 -2.32 -22.00 26.52
C GLY A 400 -1.71 -23.22 27.17
N GLN A 401 -1.36 -23.11 28.45
CA GLN A 401 -0.70 -24.23 29.11
C GLN A 401 -1.54 -24.94 30.12
N THR A 402 -1.15 -26.18 30.38
CA THR A 402 -1.73 -27.02 31.41
C THR A 402 -0.61 -27.58 32.24
N GLY A 403 -0.92 -28.17 33.38
CA GLY A 403 0.11 -28.76 34.21
C GLY A 403 -0.07 -28.28 35.63
N VAL A 404 0.62 -28.87 36.57
CA VAL A 404 0.35 -28.45 37.94
C VAL A 404 0.60 -26.98 38.18
N ILE A 405 1.66 -26.41 37.64
CA ILE A 405 1.86 -25.03 37.97
C ILE A 405 0.90 -24.18 37.16
N ALA A 406 0.79 -24.47 35.88
CA ALA A 406 -0.10 -23.69 35.02
C ALA A 406 -1.57 -23.73 35.50
N ASP A 407 -2.01 -24.87 36.04
CA ASP A 407 -3.38 -25.03 36.48
C ASP A 407 -3.68 -24.70 37.95
N TYR A 408 -2.75 -24.96 38.88
CA TYR A 408 -3.08 -24.74 40.29
C TYR A 408 -2.27 -23.67 41.02
N ASN A 409 -1.21 -23.13 40.42
CA ASN A 409 -0.41 -22.16 41.14
C ASN A 409 -0.43 -20.80 40.48
N TYR A 410 -0.26 -20.78 39.15
CA TYR A 410 -0.23 -19.53 38.44
C TYR A 410 -0.77 -19.65 37.04
N LYS A 411 -1.95 -19.09 36.85
CA LYS A 411 -2.65 -19.16 35.59
C LYS A 411 -2.56 -17.87 34.82
N LEU A 412 -2.11 -17.95 33.58
CA LEU A 412 -2.08 -16.80 32.71
C LEU A 412 -3.30 -16.89 31.84
N PRO A 413 -3.87 -15.76 31.40
CA PRO A 413 -4.99 -15.71 30.52
C PRO A 413 -4.61 -16.20 29.16
N ASP A 414 -5.54 -16.82 28.47
CA ASP A 414 -5.28 -17.22 27.10
C ASP A 414 -5.68 -16.04 26.22
N ASP A 415 -4.91 -14.98 26.37
CA ASP A 415 -5.10 -13.65 25.82
C ASP A 415 -3.74 -13.05 25.61
N PHE A 416 -3.67 -11.81 25.16
CA PHE A 416 -2.34 -11.29 24.92
C PHE A 416 -1.68 -11.31 26.30
N MET A 417 -0.40 -11.47 26.28
CA MET A 417 0.43 -11.51 27.45
C MET A 417 1.57 -10.61 27.19
N GLY A 418 2.19 -10.09 28.22
CA GLY A 418 3.33 -9.25 27.99
C GLY A 418 4.58 -10.09 27.83
N CYS A 419 5.45 -10.13 28.86
CA CYS A 419 6.73 -10.85 28.78
C CYS A 419 6.95 -11.76 29.97
N VAL A 420 7.39 -12.97 29.68
CA VAL A 420 7.74 -13.92 30.72
C VAL A 420 9.23 -14.06 30.73
N LEU A 421 9.84 -13.65 31.82
CA LEU A 421 11.28 -13.66 31.88
C LEU A 421 11.78 -14.59 32.98
N ALA A 422 12.88 -15.30 32.73
CA ALA A 422 13.40 -16.16 33.80
C ALA A 422 14.90 -16.42 33.75
N TRP A 423 15.46 -16.69 34.92
CA TRP A 423 16.87 -17.06 34.99
C TRP A 423 17.17 -18.06 36.10
N ASN A 424 18.25 -18.79 35.92
CA ASN A 424 18.72 -19.83 36.83
C ASN A 424 19.32 -19.28 38.12
N THR A 425 18.91 -19.87 39.25
CA THR A 425 19.37 -19.49 40.57
C THR A 425 20.03 -20.63 41.35
N ARG A 426 20.70 -21.52 40.63
CA ARG A 426 21.36 -22.65 41.26
C ARG A 426 22.28 -22.21 42.37
N ASN A 427 22.99 -21.11 42.19
CA ASN A 427 23.93 -20.68 43.20
C ASN A 427 23.36 -19.67 44.18
N ILE A 428 22.05 -19.47 44.16
CA ILE A 428 21.41 -18.56 45.08
C ILE A 428 20.40 -19.28 45.94
N ASP A 429 19.42 -19.92 45.29
CA ASP A 429 18.32 -20.56 45.98
C ASP A 429 18.58 -22.02 46.31
N ALA A 430 19.29 -22.74 45.46
CA ALA A 430 19.51 -24.16 45.77
C ALA A 430 20.60 -24.30 46.82
N THR A 431 20.53 -25.36 47.64
CA THR A 431 21.62 -25.58 48.60
C THR A 431 22.14 -27.01 48.53
N SER A 432 23.29 -27.28 49.13
CA SER A 432 23.86 -28.63 49.11
C SER A 432 23.10 -29.65 49.94
N THR A 433 22.27 -29.17 50.85
CA THR A 433 21.50 -30.03 51.72
C THR A 433 20.02 -30.04 51.33
N GLY A 434 19.66 -29.21 50.36
CA GLY A 434 18.30 -29.04 49.91
C GLY A 434 17.62 -27.81 50.51
N ASN A 435 17.17 -26.92 49.64
CA ASN A 435 16.46 -25.73 50.06
C ASN A 435 14.99 -26.03 49.97
N TYR A 436 14.32 -26.11 51.11
CA TYR A 436 12.92 -26.48 51.13
C TYR A 436 11.99 -25.31 51.43
N ASN A 437 12.47 -24.09 51.23
CA ASN A 437 11.65 -22.91 51.48
C ASN A 437 10.65 -22.60 50.37
N TYR A 438 10.76 -23.25 49.23
CA TYR A 438 9.85 -22.97 48.15
C TYR A 438 8.84 -24.10 48.03
N LYS A 439 7.58 -23.71 47.85
CA LYS A 439 6.41 -24.59 47.78
C LYS A 439 5.48 -24.40 46.59
N TYR A 440 4.75 -25.46 46.25
CA TYR A 440 3.72 -25.39 45.20
C TYR A 440 2.51 -26.25 45.55
N ARG A 441 1.35 -25.95 44.99
CA ARG A 441 0.16 -26.78 45.23
C ARG A 441 -0.02 -27.86 44.22
N TYR A 442 -0.50 -29.01 44.68
CA TYR A 442 -0.79 -30.09 43.77
C TYR A 442 -2.24 -30.54 43.96
N LEU A 443 -2.87 -30.21 45.11
CA LEU A 443 -4.26 -30.65 45.29
C LEU A 443 -5.20 -29.48 45.48
N ARG A 444 -6.13 -29.35 44.56
CA ARG A 444 -7.10 -28.28 44.63
C ARG A 444 -8.38 -28.73 43.96
N HIS A 445 -9.52 -28.38 44.53
CA HIS A 445 -10.79 -28.74 43.92
C HIS A 445 -11.15 -27.79 42.79
N GLY A 446 -10.37 -27.84 41.73
CA GLY A 446 -10.57 -26.97 40.58
C GLY A 446 -9.33 -26.14 40.23
N LYS A 447 -9.37 -25.58 39.03
CA LYS A 447 -8.26 -24.80 38.51
C LYS A 447 -8.42 -23.32 38.81
N LEU A 448 -7.34 -22.57 38.68
CA LEU A 448 -7.33 -21.11 38.89
C LEU A 448 -7.81 -20.34 37.68
N ARG A 449 -8.39 -19.17 37.93
CA ARG A 449 -8.72 -18.21 36.90
C ARG A 449 -7.46 -17.38 36.64
N PRO A 450 -7.31 -16.71 35.49
CA PRO A 450 -6.15 -15.91 35.19
C PRO A 450 -5.89 -14.92 36.29
N PHE A 451 -4.64 -14.87 36.72
CA PHE A 451 -4.13 -14.02 37.77
C PHE A 451 -4.79 -14.20 39.14
N GLU A 452 -5.46 -15.33 39.35
CA GLU A 452 -6.07 -15.64 40.63
C GLU A 452 -5.05 -16.28 41.56
N ARG A 453 -5.15 -15.99 42.84
CA ARG A 453 -4.27 -16.63 43.82
C ARG A 453 -5.11 -17.39 44.80
N ASP A 454 -4.61 -18.55 45.19
CA ASP A 454 -5.27 -19.34 46.21
C ASP A 454 -4.21 -19.99 47.06
N ILE A 455 -4.03 -19.39 48.23
CA ILE A 455 -2.98 -19.76 49.14
C ILE A 455 -3.52 -20.44 50.36
N SER A 456 -4.76 -20.92 50.26
CA SER A 456 -5.38 -21.62 51.36
C SER A 456 -4.61 -22.89 51.68
N ASN A 457 -4.43 -23.18 52.96
CA ASN A 457 -3.73 -24.38 53.35
C ASN A 457 -4.52 -25.12 54.39
N VAL A 458 -5.39 -25.95 53.88
CA VAL A 458 -6.30 -26.72 54.68
C VAL A 458 -6.12 -28.13 54.18
N PRO A 459 -6.49 -29.16 54.91
CA PRO A 459 -6.45 -30.52 54.43
C PRO A 459 -7.29 -30.66 53.18
N PHE A 460 -6.81 -31.43 52.25
CA PHE A 460 -7.50 -31.71 51.03
C PHE A 460 -8.14 -33.07 51.10
N SER A 461 -9.40 -33.13 50.68
CA SER A 461 -10.14 -34.38 50.67
C SER A 461 -10.69 -34.68 49.27
N PRO A 462 -10.15 -35.70 48.55
CA PRO A 462 -10.52 -36.08 47.19
C PRO A 462 -11.98 -36.46 47.06
N ASP A 463 -12.58 -36.84 48.18
CA ASP A 463 -13.95 -37.25 48.23
C ASP A 463 -14.89 -36.24 48.89
N GLY A 464 -14.38 -35.06 49.19
CA GLY A 464 -15.17 -33.99 49.79
C GLY A 464 -15.42 -34.10 51.29
N ALA A 471 -5.35 -39.16 58.21
CA ALA A 471 -6.42 -40.10 58.05
C ALA A 471 -6.38 -40.60 56.63
N LEU A 472 -6.85 -41.82 56.39
CA LEU A 472 -6.79 -42.33 55.05
C LEU A 472 -7.46 -41.38 54.07
N ASN A 473 -6.70 -41.07 53.03
CA ASN A 473 -6.99 -40.17 51.93
C ASN A 473 -7.19 -38.67 52.26
N CYS A 474 -6.62 -38.23 53.40
CA CYS A 474 -6.55 -36.84 53.85
C CYS A 474 -5.13 -36.37 53.64
N TYR A 475 -4.98 -35.38 52.77
CA TYR A 475 -3.65 -34.95 52.40
C TYR A 475 -3.45 -33.48 52.52
N TRP A 476 -2.24 -33.04 52.74
CA TRP A 476 -2.04 -31.62 52.67
C TRP A 476 -1.86 -31.31 51.18
N PRO A 477 -2.46 -30.22 50.65
CA PRO A 477 -2.42 -29.79 49.28
C PRO A 477 -1.10 -29.26 48.77
N LEU A 478 -0.16 -28.99 49.68
CA LEU A 478 1.11 -28.45 49.25
C LEU A 478 2.20 -29.48 49.22
N ASN A 479 3.04 -29.34 48.22
CA ASN A 479 4.23 -30.13 48.01
C ASN A 479 5.39 -29.17 48.11
N ASP A 480 6.62 -29.63 47.96
CA ASP A 480 7.71 -28.69 48.05
C ASP A 480 8.67 -28.81 46.91
N TYR A 481 9.66 -27.95 46.89
CA TYR A 481 10.73 -28.08 45.93
C TYR A 481 12.03 -28.35 46.61
N GLY A 482 12.51 -29.56 46.53
CA GLY A 482 13.76 -29.87 47.20
C GLY A 482 14.86 -29.35 46.32
N PHE A 483 15.22 -28.09 46.45
CA PHE A 483 16.21 -27.59 45.53
C PHE A 483 17.65 -27.84 45.98
N TYR A 484 18.36 -28.63 45.19
CA TYR A 484 19.74 -29.04 45.48
C TYR A 484 20.71 -28.48 44.46
N THR A 485 21.96 -28.32 44.88
CA THR A 485 23.03 -27.82 44.00
C THR A 485 23.83 -28.93 43.35
N THR A 486 23.38 -30.16 43.59
CA THR A 486 24.02 -31.38 43.14
C THR A 486 23.34 -32.05 41.94
N THR A 487 22.33 -31.38 41.37
CA THR A 487 21.55 -31.94 40.27
C THR A 487 21.50 -31.12 38.99
N GLY A 488 20.80 -31.68 38.00
CA GLY A 488 20.71 -31.09 36.66
C GLY A 488 19.72 -29.95 36.50
N ILE A 489 19.68 -29.41 35.30
CA ILE A 489 18.92 -28.18 35.01
C ILE A 489 17.43 -28.22 35.29
N GLY A 490 16.76 -29.30 34.98
CA GLY A 490 15.32 -29.35 35.18
C GLY A 490 14.93 -29.25 36.65
N TYR A 491 15.89 -29.49 37.54
CA TYR A 491 15.62 -29.43 38.95
C TYR A 491 16.24 -28.22 39.61
N GLN A 492 16.87 -27.34 38.83
CA GLN A 492 17.46 -26.18 39.44
C GLN A 492 16.37 -25.14 39.54
N PRO A 493 16.39 -24.27 40.56
CA PRO A 493 15.45 -23.20 40.76
C PRO A 493 15.63 -22.10 39.75
N TYR A 494 14.52 -21.47 39.39
CA TYR A 494 14.46 -20.32 38.53
C TYR A 494 13.61 -19.20 39.08
N ARG A 495 14.09 -18.00 38.89
CA ARG A 495 13.31 -16.84 39.25
C ARG A 495 12.58 -16.40 38.04
N VAL A 496 11.27 -16.34 38.15
CA VAL A 496 10.43 -15.99 37.04
C VAL A 496 9.65 -14.73 37.31
N VAL A 497 9.73 -13.81 36.38
CA VAL A 497 9.02 -12.56 36.45
C VAL A 497 8.12 -12.40 35.26
N VAL A 498 6.86 -12.13 35.49
CA VAL A 498 5.96 -11.93 34.39
C VAL A 498 5.49 -10.50 34.35
N LEU A 499 5.72 -9.84 33.24
CA LEU A 499 5.34 -8.46 33.07
C LEU A 499 4.05 -8.35 32.28
N SER A 500 3.03 -7.84 32.92
CA SER A 500 1.72 -7.64 32.33
C SER A 500 1.56 -6.18 31.97
N PHE A 501 1.25 -5.90 30.72
CA PHE A 501 1.13 -4.50 30.30
C PHE A 501 -0.33 -4.16 30.05
N GLU A 502 -0.85 -3.13 30.72
CA GLU A 502 -2.26 -2.78 30.47
C GLU A 502 -2.32 -1.87 29.25
N LEU A 503 -3.09 -2.28 28.24
CA LEU A 503 -3.05 -1.62 26.94
C LEU A 503 -3.85 -0.33 26.73
N LEU A 504 -3.38 0.68 27.43
CA LEU A 504 -3.78 2.09 27.43
C LEU A 504 -5.28 2.35 27.67
N ASN A 505 -5.86 1.72 28.69
CA ASN A 505 -7.28 1.87 29.04
C ASN A 505 -7.57 3.13 29.84
N ALA A 506 -6.51 3.84 30.21
CA ALA A 506 -6.54 5.05 31.00
C ALA A 506 -5.31 5.83 30.60
N PRO A 507 -5.21 7.14 30.84
CA PRO A 507 -4.08 7.94 30.45
C PRO A 507 -2.83 7.25 30.93
N ALA A 508 -1.84 7.20 30.06
CA ALA A 508 -0.61 6.49 30.32
C ALA A 508 0.13 6.98 31.52
N THR A 509 0.74 6.02 32.19
CA THR A 509 1.54 6.27 33.35
C THR A 509 2.96 5.78 33.07
N VAL A 510 3.10 4.75 32.23
CA VAL A 510 4.42 4.23 31.90
C VAL A 510 4.63 4.48 30.42
N CYS A 511 5.74 5.19 30.06
CA CYS A 511 6.11 5.50 28.65
C CYS A 511 7.60 5.27 28.47
N GLY A 512 8.02 5.15 27.22
CA GLY A 512 9.43 4.95 26.94
C GLY A 512 10.19 6.28 26.97
N PRO A 513 11.50 6.26 26.71
CA PRO A 513 12.43 7.37 26.74
C PRO A 513 12.33 8.22 25.49
N LYS A 514 11.19 8.85 25.30
CA LYS A 514 10.96 9.65 24.12
C LYS A 514 10.98 11.12 24.38
N LEU A 515 11.31 11.86 23.34
CA LEU A 515 11.28 13.30 23.42
C LEU A 515 10.00 13.76 22.80
N SER A 516 9.48 14.85 23.31
CA SER A 516 8.28 15.45 22.78
C SER A 516 8.57 16.66 21.93
N THR A 517 7.58 17.04 21.14
CA THR A 517 7.65 18.25 20.36
C THR A 517 6.36 19.04 20.48
N ASP A 518 6.26 20.13 19.73
CA ASP A 518 5.10 21.01 19.82
C ASP A 518 3.98 20.55 18.90
N LEU A 519 2.86 21.27 18.91
CA LEU A 519 1.75 20.94 18.05
C LEU A 519 1.80 21.74 16.79
N ILE A 520 1.85 21.05 15.69
CA ILE A 520 1.88 21.70 14.41
C ILE A 520 0.48 21.53 13.88
N LYS A 521 -0.25 22.61 13.79
CA LYS A 521 -1.67 22.54 13.45
C LYS A 521 -2.06 23.01 12.06
N ASN A 522 -3.21 22.51 11.63
CA ASN A 522 -3.89 22.86 10.39
C ASN A 522 -3.07 22.63 9.12
N GLN A 523 -2.30 21.55 9.12
CA GLN A 523 -1.48 21.18 7.98
C GLN A 523 -1.20 19.68 8.08
N CYS A 524 -0.77 19.05 6.95
CA CYS A 524 -0.49 17.61 6.90
C CYS A 524 0.85 17.28 7.57
N VAL A 525 0.76 16.52 8.65
CA VAL A 525 1.90 16.13 9.48
C VAL A 525 1.87 14.66 9.80
N ASN A 526 2.99 14.16 10.26
CA ASN A 526 2.99 12.81 10.80
C ASN A 526 2.68 13.00 12.27
N PHE A 527 2.11 12.02 12.95
CA PHE A 527 1.93 12.18 14.39
C PHE A 527 2.09 10.91 15.21
N ASN A 528 2.37 11.16 16.49
CA ASN A 528 2.51 10.13 17.51
C ASN A 528 2.07 10.66 18.86
N PHE A 529 0.92 10.26 19.37
CA PHE A 529 0.49 10.78 20.66
C PHE A 529 0.97 9.78 21.69
N ASN A 530 0.20 9.41 22.69
CA ASN A 530 0.77 8.49 23.67
C ASN A 530 0.67 7.05 23.22
N GLY A 531 1.38 6.74 22.14
CA GLY A 531 1.36 5.43 21.50
C GLY A 531 0.43 5.31 20.28
N LEU A 532 -0.34 6.36 20.01
CA LEU A 532 -1.27 6.38 18.86
C LEU A 532 -0.62 7.08 17.69
N THR A 533 -0.44 6.38 16.59
CA THR A 533 0.27 6.95 15.46
C THR A 533 -0.51 6.95 14.17
N GLY A 534 -0.04 7.77 13.24
CA GLY A 534 -0.61 7.86 11.90
C GLY A 534 -0.21 9.17 11.29
N THR A 535 -0.89 9.55 10.21
CA THR A 535 -0.62 10.81 9.53
C THR A 535 -1.92 11.52 9.39
N GLY A 536 -1.88 12.83 9.22
CA GLY A 536 -3.12 13.58 9.05
C GLY A 536 -3.00 15.04 9.41
N VAL A 537 -4.14 15.68 9.49
CA VAL A 537 -4.22 17.09 9.77
C VAL A 537 -4.89 17.24 11.13
N LEU A 538 -4.21 17.89 12.04
CA LEU A 538 -4.71 18.04 13.39
C LEU A 538 -5.39 19.39 13.55
N THR A 539 -6.64 19.38 13.98
CA THR A 539 -7.37 20.63 14.16
C THR A 539 -8.04 20.66 15.53
N PRO A 540 -8.26 21.81 16.16
CA PRO A 540 -8.96 21.92 17.42
C PRO A 540 -10.42 21.61 17.18
N SER A 541 -11.10 21.07 18.17
CA SER A 541 -12.52 20.80 17.97
C SER A 541 -13.42 20.97 19.17
N SER A 542 -14.72 20.90 18.87
CA SER A 542 -15.83 21.06 19.79
C SER A 542 -16.26 19.82 20.56
N LYS A 543 -15.66 18.68 20.28
CA LYS A 543 -16.07 17.47 20.98
C LYS A 543 -15.84 17.62 22.46
N ARG A 544 -16.78 17.12 23.25
CA ARG A 544 -16.65 17.19 24.69
C ARG A 544 -16.54 15.80 25.27
N PHE A 545 -15.32 15.44 25.60
CA PHE A 545 -14.97 14.14 26.14
C PHE A 545 -15.12 14.11 27.63
N GLN A 546 -15.44 12.95 28.16
CA GLN A 546 -15.54 12.82 29.59
C GLN A 546 -14.11 12.83 30.09
N PRO A 547 -13.84 13.22 31.33
CA PRO A 547 -12.50 13.35 31.90
C PRO A 547 -11.67 12.06 31.92
N PHE A 548 -12.30 10.91 31.79
CA PHE A 548 -11.58 9.66 31.77
C PHE A 548 -11.32 9.14 30.37
N GLN A 549 -11.79 9.87 29.35
CA GLN A 549 -11.60 9.44 27.97
C GLN A 549 -10.37 10.11 27.39
N GLN A 550 -9.55 9.32 26.69
CA GLN A 550 -8.33 9.82 26.10
C GLN A 550 -8.48 10.20 24.63
N PHE A 551 -9.35 9.48 23.95
CA PHE A 551 -9.55 9.61 22.52
C PHE A 551 -10.85 8.97 22.11
N GLY A 552 -11.30 9.28 20.91
CA GLY A 552 -12.51 8.65 20.40
C GLY A 552 -12.29 8.03 19.04
N ARG A 553 -13.34 7.41 18.52
CA ARG A 553 -13.35 6.74 17.24
C ARG A 553 -14.66 6.97 16.50
N ASP A 554 -14.62 6.86 15.18
CA ASP A 554 -15.83 6.96 14.36
C ASP A 554 -16.44 5.58 14.23
N VAL A 555 -17.33 5.41 13.25
CA VAL A 555 -17.98 4.13 13.08
C VAL A 555 -16.95 3.07 12.73
N SER A 556 -15.99 3.41 11.87
CA SER A 556 -14.95 2.47 11.51
C SER A 556 -13.93 2.45 12.66
N ASP A 557 -13.03 1.47 12.72
CA ASP A 557 -12.13 1.49 13.88
C ASP A 557 -10.91 2.37 13.69
N PHE A 558 -11.17 3.66 13.62
CA PHE A 558 -10.16 4.69 13.43
C PHE A 558 -10.33 5.84 14.39
N THR A 559 -9.21 6.36 14.86
CA THR A 559 -9.22 7.45 15.77
C THR A 559 -9.85 8.65 15.10
N ASP A 560 -10.82 9.29 15.75
CA ASP A 560 -11.42 10.46 15.12
C ASP A 560 -10.81 11.73 15.69
N SER A 561 -10.42 11.64 16.94
CA SER A 561 -9.84 12.71 17.71
C SER A 561 -9.01 12.16 18.86
N VAL A 562 -8.06 12.97 19.34
CA VAL A 562 -7.21 12.61 20.48
C VAL A 562 -7.08 13.75 21.49
N ARG A 563 -7.10 13.42 22.79
CA ARG A 563 -6.82 14.40 23.81
C ARG A 563 -5.32 14.61 23.92
N ASP A 564 -4.88 15.85 23.87
CA ASP A 564 -3.46 16.11 23.99
C ASP A 564 -2.95 15.82 25.41
N PRO A 565 -1.92 14.97 25.60
CA PRO A 565 -1.40 14.59 26.88
C PRO A 565 -0.75 15.70 27.72
N LYS A 566 -0.44 16.87 27.14
CA LYS A 566 0.18 17.90 27.96
C LYS A 566 -0.76 19.08 28.20
N THR A 567 -1.64 19.37 27.24
CA THR A 567 -2.52 20.52 27.34
C THR A 567 -3.98 20.17 27.58
N SER A 568 -4.36 18.90 27.45
CA SER A 568 -5.73 18.43 27.59
C SER A 568 -6.73 19.12 26.67
N GLU A 569 -6.32 19.39 25.44
CA GLU A 569 -7.19 20.00 24.44
C GLU A 569 -7.60 18.89 23.52
N ILE A 570 -8.72 19.03 22.84
CA ILE A 570 -9.13 17.97 21.95
C ILE A 570 -8.87 18.31 20.50
N LEU A 571 -8.15 17.43 19.82
CA LEU A 571 -7.84 17.65 18.42
C LEU A 571 -8.47 16.60 17.53
N ASP A 572 -9.21 17.02 16.51
CA ASP A 572 -9.79 16.09 15.55
C ASP A 572 -8.69 15.72 14.58
N ILE A 573 -8.76 14.52 14.02
CA ILE A 573 -7.77 14.17 13.02
C ILE A 573 -8.38 13.96 11.65
N SER A 574 -8.04 14.83 10.71
CA SER A 574 -8.57 14.72 9.37
C SER A 574 -7.51 14.02 8.53
N PRO A 575 -7.85 13.28 7.49
CA PRO A 575 -6.89 12.70 6.60
C PRO A 575 -6.30 13.83 5.77
N CYS A 576 -5.06 13.62 5.24
CA CYS A 576 -4.37 14.56 4.33
C CYS A 576 -5.02 14.42 2.96
N SER A 577 -5.11 15.52 2.24
CA SER A 577 -5.77 15.48 0.95
C SER A 577 -5.19 14.46 -0.02
N PHE A 578 -6.08 13.75 -0.70
CA PHE A 578 -5.75 12.76 -1.69
C PHE A 578 -6.92 12.59 -2.62
N GLY A 579 -6.69 11.93 -3.75
CA GLY A 579 -7.77 11.63 -4.71
C GLY A 579 -7.22 11.09 -6.01
N GLY A 580 -8.08 10.85 -6.99
CA GLY A 580 -7.65 10.37 -8.29
C GLY A 580 -7.11 11.50 -9.16
N VAL A 581 -6.28 11.15 -10.14
CA VAL A 581 -5.76 12.12 -11.08
C VAL A 581 -6.11 11.72 -12.48
N SER A 582 -6.77 12.62 -13.20
CA SER A 582 -7.11 12.29 -14.56
C SER A 582 -6.68 13.37 -15.50
N VAL A 583 -6.38 12.96 -16.71
CA VAL A 583 -5.94 13.86 -17.73
C VAL A 583 -6.92 14.02 -18.84
N ILE A 584 -7.25 15.27 -19.12
CA ILE A 584 -8.16 15.66 -20.17
C ILE A 584 -7.32 15.82 -21.40
N THR A 585 -7.65 15.12 -22.45
CA THR A 585 -6.82 15.31 -23.61
C THR A 585 -7.54 15.22 -24.95
N PRO A 586 -7.18 16.05 -25.94
CA PRO A 586 -7.55 15.94 -27.31
C PRO A 586 -6.64 14.84 -27.77
N GLY A 587 -6.85 14.27 -28.92
CA GLY A 587 -5.88 13.27 -29.30
C GLY A 587 -4.52 13.89 -29.56
N THR A 588 -3.49 13.06 -29.37
CA THR A 588 -2.08 13.45 -29.58
C THR A 588 -1.72 13.72 -31.05
N ASN A 589 -2.60 13.29 -31.99
CA ASN A 589 -2.51 13.55 -33.42
C ASN A 589 -2.80 15.05 -33.71
N ALA A 590 -3.61 15.75 -32.84
CA ALA A 590 -3.93 17.16 -32.95
C ALA A 590 -2.86 17.95 -32.22
N SER A 591 -2.65 17.63 -30.94
CA SER A 591 -1.60 18.27 -30.16
C SER A 591 -1.28 17.55 -28.86
N SER A 592 -0.03 17.66 -28.43
CA SER A 592 0.39 17.15 -27.13
C SER A 592 0.15 18.18 -26.04
N GLU A 593 -1.11 18.52 -25.84
CA GLU A 593 -1.53 19.50 -24.85
C GLU A 593 -2.54 18.87 -23.94
N VAL A 594 -2.32 18.92 -22.64
CA VAL A 594 -3.26 18.31 -21.74
C VAL A 594 -3.64 19.20 -20.57
N ALA A 595 -4.76 18.88 -19.92
CA ALA A 595 -5.16 19.57 -18.69
C ALA A 595 -5.35 18.52 -17.60
N VAL A 596 -5.04 18.86 -16.36
CA VAL A 596 -5.16 17.86 -15.31
C VAL A 596 -6.25 18.15 -14.30
N LEU A 597 -7.07 17.13 -14.05
CA LEU A 597 -8.16 17.17 -13.08
C LEU A 597 -7.83 16.47 -11.78
N TYR A 598 -7.91 17.21 -10.69
CA TYR A 598 -7.63 16.66 -9.37
C TYR A 598 -8.96 16.41 -8.68
N GLN A 599 -9.25 15.13 -8.45
CA GLN A 599 -10.55 14.72 -7.92
C GLN A 599 -10.88 15.11 -6.50
N ASP A 600 -12.07 15.68 -6.32
CA ASP A 600 -12.69 15.98 -5.02
C ASP A 600 -11.84 16.75 -4.00
N VAL A 601 -11.10 17.74 -4.43
CA VAL A 601 -10.29 18.52 -3.51
C VAL A 601 -10.42 20.02 -3.66
N ASN A 602 -10.07 20.72 -2.60
CA ASN A 602 -10.01 22.16 -2.62
C ASN A 602 -8.72 22.52 -3.33
N CYS A 603 -8.80 23.23 -4.46
CA CYS A 603 -7.68 23.50 -5.34
C CYS A 603 -6.67 24.43 -4.67
N THR A 604 -7.08 25.01 -3.55
CA THR A 604 -6.21 25.87 -2.78
C THR A 604 -5.06 24.99 -2.29
N ASP A 605 -5.39 23.77 -1.88
CA ASP A 605 -4.41 22.87 -1.30
C ASP A 605 -3.66 22.17 -2.41
N VAL A 606 -4.33 21.94 -3.52
CA VAL A 606 -3.65 21.29 -4.63
C VAL A 606 -2.58 22.23 -5.14
N SER A 607 -2.95 23.49 -5.35
CA SER A 607 -2.02 24.46 -5.85
C SER A 607 -0.89 24.63 -4.86
N THR A 608 -1.21 24.73 -3.57
CA THR A 608 -0.16 24.90 -2.58
C THR A 608 0.79 23.73 -2.61
N ALA A 609 0.28 22.50 -2.66
CA ALA A 609 1.13 21.30 -2.69
C ALA A 609 2.01 21.25 -3.93
N ILE A 610 1.54 21.82 -5.05
CA ILE A 610 2.38 21.82 -6.24
C ILE A 610 3.52 22.81 -6.13
N HIS A 611 3.23 24.04 -5.67
CA HIS A 611 4.28 25.05 -5.59
C HIS A 611 5.22 24.75 -4.43
N ALA A 612 4.64 24.48 -3.27
CA ALA A 612 5.37 24.10 -2.09
C ALA A 612 5.47 22.62 -2.23
N ASP A 613 6.36 22.17 -3.08
CA ASP A 613 6.28 20.78 -3.49
C ASP A 613 6.26 19.78 -2.34
N GLN A 614 5.04 19.30 -2.11
CA GLN A 614 4.65 18.27 -1.18
C GLN A 614 3.67 17.39 -1.91
N LEU A 615 3.78 17.31 -3.22
CA LEU A 615 2.78 16.52 -3.93
C LEU A 615 3.36 15.28 -4.56
N THR A 616 2.64 14.18 -4.42
CA THR A 616 3.06 12.99 -5.12
C THR A 616 1.86 12.37 -5.80
N PRO A 617 1.99 11.97 -7.07
CA PRO A 617 3.07 12.12 -7.99
C PRO A 617 3.11 13.55 -8.45
N ALA A 618 4.23 13.95 -8.96
CA ALA A 618 4.38 15.24 -9.55
C ALA A 618 5.31 15.02 -10.69
N TRP A 619 5.24 15.85 -11.68
CA TRP A 619 6.06 15.61 -12.83
C TRP A 619 7.18 16.61 -12.92
N ARG A 620 8.29 16.16 -13.51
CA ARG A 620 9.48 16.98 -13.64
C ARG A 620 9.29 18.23 -14.48
N ILE A 621 8.59 18.12 -15.61
CA ILE A 621 8.37 19.29 -16.42
C ILE A 621 6.87 19.55 -16.49
N TYR A 622 6.38 20.31 -15.53
CA TYR A 622 4.97 20.59 -15.37
C TYR A 622 4.79 21.84 -14.55
N SER A 623 3.82 22.66 -14.89
CA SER A 623 3.58 23.84 -14.09
C SER A 623 2.13 24.22 -14.01
N THR A 624 1.84 24.99 -12.96
CA THR A 624 0.53 25.55 -12.71
C THR A 624 0.56 27.01 -13.13
N GLY A 625 -0.35 27.37 -14.02
CA GLY A 625 -0.44 28.73 -14.54
C GLY A 625 -1.60 29.45 -13.93
N ASN A 626 -2.19 30.40 -14.66
CA ASN A 626 -3.32 31.15 -14.15
C ASN A 626 -4.63 30.46 -14.50
N ASN A 627 -4.52 29.38 -15.24
CA ASN A 627 -5.67 28.61 -15.67
C ASN A 627 -6.03 27.59 -14.64
N VAL A 628 -6.46 28.09 -13.51
CA VAL A 628 -6.86 27.22 -12.42
C VAL A 628 -8.24 27.59 -11.91
N PHE A 629 -9.14 26.62 -11.87
CA PHE A 629 -10.45 26.90 -11.33
C PHE A 629 -11.00 25.64 -10.72
N GLN A 630 -11.97 25.78 -9.84
CA GLN A 630 -12.56 24.61 -9.20
C GLN A 630 -14.04 24.40 -9.44
N THR A 631 -14.38 23.14 -9.68
CA THR A 631 -15.76 22.70 -9.80
C THR A 631 -16.08 21.58 -8.84
N GLN A 632 -17.31 21.09 -8.89
CA GLN A 632 -17.74 20.06 -7.94
C GLN A 632 -17.14 18.69 -8.24
N ALA A 633 -16.61 18.54 -9.42
CA ALA A 633 -15.98 17.33 -9.89
C ALA A 633 -14.49 17.29 -9.55
N GLY A 634 -13.98 18.36 -8.92
CA GLY A 634 -12.56 18.46 -8.63
C GLY A 634 -12.07 19.70 -9.36
N CYS A 635 -10.74 20.01 -9.31
CA CYS A 635 -10.23 21.23 -9.96
C CYS A 635 -9.39 20.95 -11.18
N LEU A 636 -9.40 21.91 -12.08
CA LEU A 636 -8.56 21.78 -13.23
C LEU A 636 -7.43 22.74 -13.21
N ILE A 637 -6.30 22.21 -13.63
CA ILE A 637 -5.13 23.01 -13.83
C ILE A 637 -4.67 22.89 -15.27
N GLY A 638 -4.66 24.03 -15.98
CA GLY A 638 -4.27 24.10 -17.38
C GLY A 638 -5.41 24.36 -18.37
N ALA A 639 -6.65 24.18 -17.94
CA ALA A 639 -7.78 24.47 -18.82
C ALA A 639 -8.25 25.89 -18.58
N GLU A 640 -8.51 26.63 -19.64
CA GLU A 640 -8.98 27.99 -19.50
C GLU A 640 -10.47 28.05 -19.31
N HIS A 641 -10.92 28.68 -18.26
CA HIS A 641 -12.36 28.79 -18.07
C HIS A 641 -12.90 29.84 -19.00
N VAL A 642 -14.05 29.57 -19.61
CA VAL A 642 -14.68 30.56 -20.46
C VAL A 642 -16.11 30.75 -19.97
N ASP A 643 -16.72 31.89 -20.31
CA ASP A 643 -18.08 32.21 -19.88
C ASP A 643 -19.16 31.90 -20.89
N THR A 644 -18.80 31.14 -21.89
CA THR A 644 -19.70 30.70 -22.94
C THR A 644 -20.13 29.26 -22.75
N SER A 645 -20.85 28.76 -23.75
CA SER A 645 -21.36 27.41 -23.71
C SER A 645 -21.35 26.78 -25.08
N TYR A 646 -21.28 25.45 -25.07
CA TYR A 646 -21.25 24.69 -26.32
C TYR A 646 -21.73 23.28 -26.07
N GLU A 647 -21.78 22.49 -27.13
CA GLU A 647 -22.09 21.08 -27.00
C GLU A 647 -20.92 20.46 -26.25
N CYS A 648 -21.15 19.45 -25.38
CA CYS A 648 -20.10 18.79 -24.60
C CYS A 648 -19.17 17.96 -25.49
N ASP A 649 -17.87 18.16 -25.32
CA ASP A 649 -16.85 17.43 -26.04
C ASP A 649 -16.29 16.38 -25.08
N ILE A 650 -15.48 16.79 -24.11
CA ILE A 650 -14.94 15.88 -23.13
C ILE A 650 -15.48 16.23 -21.73
N PRO A 651 -16.40 15.46 -21.14
CA PRO A 651 -17.02 15.76 -19.86
C PRO A 651 -16.03 15.84 -18.73
N ILE A 652 -16.23 16.79 -17.82
CA ILE A 652 -15.41 16.90 -16.62
C ILE A 652 -16.26 16.35 -15.50
N GLY A 653 -17.49 16.85 -15.44
CA GLY A 653 -18.45 16.47 -14.43
C GLY A 653 -19.13 17.69 -13.85
N ALA A 654 -20.26 17.47 -13.17
CA ALA A 654 -21.02 18.52 -12.52
C ALA A 654 -21.45 19.66 -13.44
N GLY A 655 -21.82 19.37 -14.68
CA GLY A 655 -22.32 20.38 -15.60
C GLY A 655 -21.29 21.08 -16.48
N ILE A 656 -20.00 20.84 -16.24
CA ILE A 656 -18.97 21.51 -17.03
C ILE A 656 -18.20 20.48 -17.89
N CYS A 657 -17.86 20.88 -19.14
CA CYS A 657 -17.11 20.08 -20.14
C CYS A 657 -15.88 20.80 -20.66
N ALA A 658 -14.91 20.02 -21.08
CA ALA A 658 -13.72 20.57 -21.69
C ALA A 658 -13.73 20.32 -23.18
N SER A 659 -13.07 21.19 -23.93
CA SER A 659 -12.92 21.01 -25.37
C SER A 659 -11.70 21.72 -25.88
N TYR A 660 -11.32 21.43 -27.13
CA TYR A 660 -10.17 22.10 -27.73
C TYR A 660 -10.62 22.99 -28.88
N HIS A 661 -10.54 24.30 -28.67
CA HIS A 661 -11.03 25.28 -29.65
C HIS A 661 -10.07 26.40 -29.86
N THR A 662 -10.24 27.11 -30.95
CA THR A 662 -9.44 28.30 -31.18
C THR A 662 -9.93 29.36 -30.21
N VAL A 663 -9.07 30.35 -29.89
CA VAL A 663 -9.37 31.50 -28.99
C VAL A 663 -8.79 32.77 -29.59
N GLN A 671 -4.30 29.85 -32.90
CA GLN A 671 -4.08 29.77 -31.46
C GLN A 671 -5.27 29.02 -30.81
N LYS A 672 -5.02 27.75 -30.39
CA LYS A 672 -5.98 26.87 -29.72
C LYS A 672 -5.58 26.60 -28.31
N SER A 673 -6.57 26.30 -27.50
CA SER A 673 -6.33 25.91 -26.13
C SER A 673 -7.42 25.00 -25.60
N ILE A 674 -7.08 24.25 -24.56
CA ILE A 674 -8.13 23.49 -23.90
C ILE A 674 -8.91 24.45 -23.02
N VAL A 675 -10.23 24.45 -23.18
CA VAL A 675 -11.08 25.35 -22.42
C VAL A 675 -12.15 24.58 -21.69
N ALA A 676 -12.66 25.18 -20.61
CA ALA A 676 -13.72 24.61 -19.82
C ALA A 676 -14.96 25.49 -19.89
N TYR A 677 -16.04 24.91 -20.38
CA TYR A 677 -17.27 25.64 -20.65
C TYR A 677 -18.52 24.97 -20.13
N THR A 678 -19.57 25.76 -19.96
CA THR A 678 -20.82 25.21 -19.47
C THR A 678 -21.52 24.49 -20.58
N MET A 679 -22.11 23.35 -20.28
CA MET A 679 -22.79 22.65 -21.34
C MET A 679 -24.02 23.36 -21.85
N SER A 680 -24.18 23.33 -23.16
CA SER A 680 -25.38 23.81 -23.80
C SER A 680 -26.35 22.67 -23.76
N LEU A 681 -27.63 22.96 -23.60
CA LEU A 681 -28.60 21.87 -23.56
C LEU A 681 -29.24 21.62 -24.91
N GLY A 682 -29.26 22.64 -25.76
CA GLY A 682 -29.89 22.53 -27.06
C GLY A 682 -30.15 23.91 -27.62
N ALA A 683 -30.68 23.97 -28.84
CA ALA A 683 -30.99 25.25 -29.45
C ALA A 683 -32.10 25.93 -28.67
N ASP A 684 -32.02 27.25 -28.56
CA ASP A 684 -33.05 28.03 -27.91
C ASP A 684 -34.05 28.51 -28.96
N SER A 685 -35.22 27.91 -29.00
CA SER A 685 -36.22 28.24 -29.99
C SER A 685 -37.59 28.05 -29.39
N SER A 686 -38.60 28.61 -30.03
CA SER A 686 -39.94 28.47 -29.52
C SER A 686 -41.00 28.50 -30.60
N ILE A 687 -42.17 27.99 -30.24
CA ILE A 687 -43.33 27.95 -31.11
C ILE A 687 -44.44 28.77 -30.50
N ALA A 688 -44.96 29.71 -31.26
CA ALA A 688 -46.02 30.55 -30.77
C ALA A 688 -47.28 29.74 -30.54
N TYR A 689 -47.99 30.08 -29.48
CA TYR A 689 -49.25 29.44 -29.18
C TYR A 689 -50.39 30.23 -29.79
N SER A 690 -51.35 29.52 -30.37
CA SER A 690 -52.52 30.14 -30.92
C SER A 690 -53.72 29.26 -30.78
N ASN A 691 -54.89 29.87 -30.70
CA ASN A 691 -56.13 29.11 -30.60
C ASN A 691 -56.81 28.89 -31.93
N ASN A 692 -56.21 29.37 -33.01
CA ASN A 692 -56.83 29.22 -34.33
C ASN A 692 -55.91 28.91 -35.50
N THR A 693 -54.73 28.33 -35.29
CA THR A 693 -53.85 28.06 -36.43
C THR A 693 -53.28 26.65 -36.44
N ILE A 694 -52.78 26.26 -37.60
CA ILE A 694 -52.12 24.97 -37.79
C ILE A 694 -51.00 25.08 -38.81
N ALA A 695 -49.93 24.30 -38.64
CA ALA A 695 -48.91 24.27 -39.68
C ALA A 695 -48.97 22.93 -40.36
N ILE A 696 -48.87 22.93 -41.68
CA ILE A 696 -48.90 21.68 -42.43
C ILE A 696 -47.74 21.61 -43.42
N PRO A 697 -46.89 20.59 -43.40
CA PRO A 697 -45.78 20.38 -44.32
C PRO A 697 -46.31 20.40 -45.75
N THR A 698 -45.59 21.08 -46.65
CA THR A 698 -46.01 21.17 -48.05
C THR A 698 -45.07 20.37 -48.93
N ASN A 699 -44.02 19.84 -48.34
CA ASN A 699 -43.02 19.07 -49.04
C ASN A 699 -42.41 18.07 -48.06
N PHE A 700 -41.48 17.25 -48.53
CA PHE A 700 -40.84 16.24 -47.70
C PHE A 700 -39.51 15.81 -48.24
N SER A 701 -38.77 15.08 -47.44
CA SER A 701 -37.53 14.51 -47.88
C SER A 701 -37.35 13.12 -47.31
N ILE A 702 -36.53 12.33 -47.98
CA ILE A 702 -36.22 10.99 -47.56
C ILE A 702 -34.76 10.87 -47.23
N SER A 703 -34.47 10.25 -46.11
CA SER A 703 -33.09 10.09 -45.71
C SER A 703 -32.82 8.72 -45.15
N ILE A 704 -31.55 8.34 -45.11
CA ILE A 704 -31.19 7.04 -44.54
C ILE A 704 -30.33 7.17 -43.31
N THR A 705 -30.83 6.53 -42.26
CA THR A 705 -30.24 6.49 -40.93
C THR A 705 -29.44 5.23 -40.71
N THR A 706 -28.26 5.34 -40.13
CA THR A 706 -27.46 4.14 -39.88
C THR A 706 -27.46 3.79 -38.41
N GLU A 707 -27.79 2.55 -38.08
CA GLU A 707 -27.82 2.10 -36.69
C GLU A 707 -26.90 0.90 -36.47
N VAL A 708 -26.04 0.97 -35.47
CA VAL A 708 -25.06 -0.08 -35.25
C VAL A 708 -25.15 -0.76 -33.90
N MET A 709 -25.19 -2.08 -33.89
CA MET A 709 -25.19 -2.77 -32.60
C MET A 709 -24.51 -4.14 -32.63
N PRO A 710 -23.73 -4.49 -31.59
CA PRO A 710 -23.10 -5.78 -31.41
C PRO A 710 -24.09 -6.89 -31.31
N VAL A 711 -23.72 -8.03 -31.84
CA VAL A 711 -24.53 -9.23 -31.74
C VAL A 711 -23.81 -10.31 -30.94
N SER A 712 -22.51 -10.42 -31.12
CA SER A 712 -21.76 -11.49 -30.48
C SER A 712 -20.36 -11.03 -30.09
N MET A 713 -19.73 -11.78 -29.20
CA MET A 713 -18.36 -11.47 -28.81
C MET A 713 -17.47 -12.68 -29.05
N ALA A 714 -16.16 -12.48 -28.91
CA ALA A 714 -15.22 -13.56 -29.13
C ALA A 714 -15.47 -14.75 -28.25
N LYS A 715 -15.41 -15.91 -28.85
CA LYS A 715 -15.62 -17.16 -28.14
C LYS A 715 -14.34 -17.62 -27.50
N THR A 716 -14.02 -17.07 -26.35
CA THR A 716 -12.74 -17.44 -25.77
C THR A 716 -12.86 -18.77 -25.10
N SER A 717 -11.72 -19.38 -24.84
CA SER A 717 -11.61 -20.62 -24.12
C SER A 717 -10.29 -20.66 -23.39
N VAL A 718 -10.30 -21.24 -22.21
CA VAL A 718 -9.09 -21.34 -21.42
C VAL A 718 -8.88 -22.73 -20.94
N ASP A 719 -7.67 -23.23 -21.10
CA ASP A 719 -7.37 -24.52 -20.52
C ASP A 719 -6.88 -24.26 -19.09
N CYS A 720 -7.75 -24.54 -18.06
CA CYS A 720 -7.48 -24.29 -16.65
C CYS A 720 -6.13 -24.88 -16.18
N ASN A 721 -5.89 -26.16 -16.44
CA ASN A 721 -4.65 -26.72 -15.96
C ASN A 721 -3.46 -26.13 -16.65
N MET A 722 -3.56 -25.85 -17.94
CA MET A 722 -2.39 -25.30 -18.59
C MET A 722 -2.06 -23.92 -18.06
N TYR A 723 -3.09 -23.11 -17.80
CA TYR A 723 -2.87 -21.78 -17.27
C TYR A 723 -2.22 -21.81 -15.90
N ILE A 724 -2.71 -22.66 -14.99
CA ILE A 724 -2.21 -22.66 -13.62
C ILE A 724 -0.93 -23.50 -13.39
N CYS A 725 -0.93 -24.79 -13.85
CA CYS A 725 0.07 -25.83 -13.61
C CYS A 725 0.57 -26.39 -14.94
N GLY A 726 0.82 -25.53 -15.89
CA GLY A 726 1.25 -26.07 -17.15
C GLY A 726 2.56 -26.80 -16.93
N ASP A 727 2.58 -28.03 -17.41
CA ASP A 727 3.72 -28.92 -17.34
C ASP A 727 4.32 -29.09 -15.94
N SER A 728 3.50 -29.15 -14.90
CA SER A 728 4.01 -29.38 -13.55
C SER A 728 3.21 -30.36 -12.72
N THR A 729 3.85 -31.49 -12.42
CA THR A 729 3.26 -32.58 -11.67
C THR A 729 2.99 -32.17 -10.24
N GLU A 730 3.94 -31.47 -9.66
CA GLU A 730 3.82 -31.06 -8.26
C GLU A 730 2.64 -30.08 -8.06
N CYS A 731 2.47 -29.12 -9.01
CA CYS A 731 1.40 -28.13 -9.00
C CYS A 731 0.08 -28.86 -9.24
N ALA A 732 0.04 -29.76 -10.22
CA ALA A 732 -1.20 -30.46 -10.50
C ALA A 732 -1.69 -31.26 -9.32
N ASN A 733 -0.78 -31.87 -8.58
CA ASN A 733 -1.20 -32.65 -7.44
C ASN A 733 -1.78 -31.75 -6.35
N LEU A 734 -1.32 -30.51 -6.26
CA LEU A 734 -1.88 -29.58 -5.29
C LEU A 734 -3.19 -29.00 -5.82
N LEU A 735 -3.27 -28.82 -7.14
CA LEU A 735 -4.45 -28.26 -7.76
C LEU A 735 -5.65 -29.16 -7.52
N LEU A 736 -5.44 -30.46 -7.49
CA LEU A 736 -6.51 -31.43 -7.25
C LEU A 736 -7.18 -31.24 -5.90
N GLN A 737 -6.53 -30.54 -4.98
CA GLN A 737 -7.09 -30.34 -3.67
C GLN A 737 -8.16 -29.26 -3.69
N TYR A 738 -8.34 -28.61 -4.84
CA TYR A 738 -9.33 -27.57 -5.00
C TYR A 738 -10.58 -28.15 -5.69
N GLY A 739 -10.57 -29.48 -5.88
CA GLY A 739 -11.70 -30.22 -6.39
C GLY A 739 -12.23 -29.87 -7.77
N SER A 740 -13.52 -29.59 -7.78
CA SER A 740 -14.34 -29.26 -8.94
C SER A 740 -14.09 -27.89 -9.52
N PHE A 741 -13.36 -27.04 -8.82
CA PHE A 741 -13.17 -25.68 -9.29
C PHE A 741 -12.72 -25.55 -10.75
N CYS A 742 -11.68 -26.31 -11.16
CA CYS A 742 -11.05 -26.22 -12.46
C CYS A 742 -12.05 -26.61 -13.58
N THR A 743 -12.81 -27.67 -13.33
CA THR A 743 -13.83 -28.09 -14.28
C THR A 743 -14.91 -27.04 -14.43
N GLN A 744 -15.33 -26.43 -13.32
CA GLN A 744 -16.39 -25.42 -13.41
C GLN A 744 -15.95 -24.23 -14.24
N LEU A 745 -14.68 -23.83 -14.16
CA LEU A 745 -14.24 -22.72 -14.98
C LEU A 745 -14.31 -23.07 -16.45
N ASN A 746 -13.90 -24.29 -16.78
CA ASN A 746 -13.90 -24.67 -18.19
C ASN A 746 -15.34 -24.73 -18.69
N ARG A 747 -16.24 -25.25 -17.86
CA ARG A 747 -17.63 -25.39 -18.24
C ARG A 747 -18.34 -24.08 -18.41
N ALA A 748 -18.17 -23.18 -17.44
CA ALA A 748 -18.86 -21.91 -17.49
C ALA A 748 -18.42 -21.09 -18.68
N LEU A 749 -17.14 -21.11 -19.00
CA LEU A 749 -16.68 -20.32 -20.11
C LEU A 749 -17.19 -20.90 -21.43
N SER A 750 -17.25 -22.22 -21.55
CA SER A 750 -17.78 -22.83 -22.75
C SER A 750 -19.23 -22.44 -22.93
N GLY A 751 -19.99 -22.44 -21.83
CA GLY A 751 -21.39 -22.05 -21.91
C GLY A 751 -21.52 -20.63 -22.44
N ILE A 752 -20.61 -19.73 -22.07
CA ILE A 752 -20.67 -18.38 -22.61
C ILE A 752 -20.42 -18.39 -24.09
N ALA A 753 -19.39 -19.11 -24.53
CA ALA A 753 -19.06 -19.14 -25.94
C ALA A 753 -20.21 -19.69 -26.77
N ALA A 754 -20.92 -20.65 -26.24
CA ALA A 754 -22.04 -21.26 -26.93
C ALA A 754 -23.17 -20.28 -27.28
N GLU A 755 -23.37 -19.27 -26.45
CA GLU A 755 -24.48 -18.37 -26.65
C GLU A 755 -24.14 -17.32 -27.66
N GLN A 756 -22.90 -17.33 -28.14
CA GLN A 756 -22.52 -16.33 -29.09
C GLN A 756 -22.99 -16.81 -30.45
N ASP A 757 -23.17 -18.14 -30.60
CA ASP A 757 -23.66 -18.63 -31.87
C ASP A 757 -25.15 -18.55 -31.83
N ARG A 758 -25.74 -18.73 -30.66
CA ARG A 758 -27.18 -18.62 -30.62
C ARG A 758 -27.57 -17.19 -30.97
N ASN A 759 -26.86 -16.19 -30.43
CA ASN A 759 -27.26 -14.84 -30.74
C ASN A 759 -27.14 -14.52 -32.21
N THR A 760 -26.06 -14.98 -32.84
CA THR A 760 -25.87 -14.63 -34.23
C THR A 760 -26.96 -15.25 -35.05
N ARG A 761 -27.28 -16.49 -34.78
CA ARG A 761 -28.30 -17.15 -35.53
C ARG A 761 -29.66 -16.48 -35.34
N GLU A 762 -30.03 -16.11 -34.12
CA GLU A 762 -31.34 -15.48 -33.93
C GLU A 762 -31.47 -14.12 -34.61
N VAL A 763 -30.40 -13.34 -34.66
CA VAL A 763 -30.48 -12.06 -35.31
C VAL A 763 -30.53 -12.20 -36.82
N PHE A 764 -29.69 -13.04 -37.42
CA PHE A 764 -29.68 -13.10 -38.87
C PHE A 764 -30.52 -14.16 -39.56
N ALA A 765 -30.67 -15.35 -38.99
CA ALA A 765 -31.34 -16.41 -39.72
C ALA A 765 -32.85 -16.39 -39.53
N GLN A 766 -33.49 -15.32 -39.98
CA GLN A 766 -34.94 -15.17 -39.86
C GLN A 766 -35.61 -15.33 -41.21
N VAL A 767 -34.81 -15.75 -42.16
CA VAL A 767 -35.17 -15.96 -43.54
C VAL A 767 -35.76 -17.36 -43.68
N LYS A 768 -37.00 -17.46 -44.19
CA LYS A 768 -37.63 -18.78 -44.33
C LYS A 768 -36.96 -19.62 -45.39
N GLN A 769 -36.62 -18.97 -46.48
CA GLN A 769 -35.97 -19.62 -47.59
C GLN A 769 -34.97 -18.66 -48.15
N MET A 770 -33.93 -19.16 -48.77
CA MET A 770 -33.02 -18.23 -49.37
C MET A 770 -33.68 -17.66 -50.60
N TYR A 771 -33.44 -16.39 -50.82
CA TYR A 771 -33.93 -15.68 -51.98
C TYR A 771 -32.70 -15.36 -52.79
N LYS A 772 -32.85 -15.28 -54.09
CA LYS A 772 -31.70 -14.98 -54.93
C LYS A 772 -31.57 -13.51 -55.20
N THR A 773 -30.34 -13.09 -55.44
CA THR A 773 -30.06 -11.73 -55.84
C THR A 773 -30.49 -11.62 -57.31
N PRO A 774 -31.29 -10.63 -57.73
CA PRO A 774 -31.73 -10.41 -59.07
C PRO A 774 -30.60 -9.89 -59.92
N THR A 775 -30.74 -10.00 -61.23
CA THR A 775 -29.74 -9.42 -62.12
C THR A 775 -29.99 -7.92 -62.26
N LEU A 776 -31.22 -7.50 -62.03
CA LEU A 776 -31.62 -6.11 -62.07
C LEU A 776 -31.52 -5.55 -60.67
N LYS A 777 -30.78 -4.46 -60.52
CA LYS A 777 -30.62 -3.86 -59.21
C LYS A 777 -31.18 -2.45 -59.18
N TYR A 778 -31.94 -2.09 -60.20
CA TYR A 778 -32.53 -0.76 -60.26
C TYR A 778 -33.98 -0.95 -60.48
N PHE A 779 -34.78 -0.75 -59.46
CA PHE A 779 -36.21 -1.01 -59.50
C PHE A 779 -37.04 0.23 -59.30
N GLY A 780 -37.73 0.69 -60.32
CA GLY A 780 -38.56 1.88 -60.15
C GLY A 780 -37.73 3.14 -60.03
N GLY A 781 -36.45 3.06 -60.29
CA GLY A 781 -35.61 4.22 -60.14
C GLY A 781 -34.74 4.13 -58.91
N PHE A 782 -34.97 3.09 -58.12
CA PHE A 782 -34.24 2.91 -56.87
C PHE A 782 -33.07 1.97 -57.07
N ASN A 783 -31.88 2.49 -56.77
CA ASN A 783 -30.67 1.72 -56.96
C ASN A 783 -30.23 0.97 -55.77
N PHE A 784 -30.21 -0.34 -55.85
CA PHE A 784 -29.86 -1.22 -54.73
C PHE A 784 -28.50 -1.87 -54.92
N SER A 785 -27.76 -1.43 -55.92
CA SER A 785 -26.48 -2.06 -56.27
C SER A 785 -25.39 -1.93 -55.24
N GLN A 786 -25.53 -1.00 -54.31
CA GLN A 786 -24.52 -0.81 -53.30
C GLN A 786 -24.86 -1.57 -52.02
N ILE A 787 -26.08 -2.13 -51.98
CA ILE A 787 -26.59 -2.80 -50.80
C ILE A 787 -26.41 -4.32 -50.97
N LEU A 788 -26.76 -4.78 -52.19
CA LEU A 788 -26.72 -6.17 -52.69
C LEU A 788 -25.31 -6.57 -53.12
N PRO A 789 -24.94 -7.85 -53.10
CA PRO A 789 -23.64 -8.36 -53.51
C PRO A 789 -23.40 -8.16 -54.98
N ASP A 790 -22.14 -7.88 -55.32
CA ASP A 790 -21.71 -7.67 -56.70
C ASP A 790 -21.16 -8.97 -57.31
N PRO A 791 -21.84 -9.57 -58.31
CA PRO A 791 -21.51 -10.85 -58.93
C PRO A 791 -20.20 -10.83 -59.71
N LEU A 792 -19.68 -9.64 -59.99
CA LEU A 792 -18.45 -9.54 -60.76
C LEU A 792 -17.22 -9.45 -59.88
N LYS A 793 -17.41 -9.46 -58.57
CA LYS A 793 -16.30 -9.34 -57.64
C LYS A 793 -15.95 -10.71 -57.06
N PRO A 794 -14.72 -10.89 -56.53
CA PRO A 794 -14.25 -12.10 -55.87
C PRO A 794 -14.96 -12.42 -54.55
N THR A 795 -15.66 -11.44 -54.01
CA THR A 795 -16.37 -11.62 -52.75
C THR A 795 -17.85 -11.70 -52.90
N LYS A 796 -18.50 -11.98 -51.80
CA LYS A 796 -19.96 -12.07 -51.77
C LYS A 796 -20.55 -10.96 -50.93
N ARG A 797 -19.69 -10.05 -50.49
CA ARG A 797 -20.11 -8.90 -49.72
C ARG A 797 -20.51 -7.77 -50.66
N SER A 798 -21.50 -6.98 -50.25
CA SER A 798 -21.88 -5.81 -51.03
C SER A 798 -20.91 -4.69 -50.80
N PHE A 799 -20.96 -3.63 -51.59
CA PHE A 799 -20.00 -2.57 -51.35
C PHE A 799 -20.05 -2.08 -49.92
N ILE A 800 -21.25 -1.81 -49.42
CA ILE A 800 -21.33 -1.32 -48.06
C ILE A 800 -20.82 -2.35 -47.07
N GLU A 801 -21.19 -3.62 -47.22
CA GLU A 801 -20.69 -4.60 -46.27
C GLU A 801 -19.17 -4.74 -46.29
N ASP A 802 -18.59 -4.69 -47.47
CA ASP A 802 -17.16 -4.83 -47.61
C ASP A 802 -16.47 -3.71 -46.86
N LEU A 803 -17.04 -2.51 -46.98
CA LEU A 803 -16.51 -1.37 -46.29
C LEU A 803 -16.66 -1.51 -44.77
N LEU A 804 -17.79 -2.02 -44.27
CA LEU A 804 -17.95 -2.17 -42.81
C LEU A 804 -16.89 -3.11 -42.23
N PHE A 805 -16.59 -4.19 -42.97
CA PHE A 805 -15.60 -5.15 -42.51
C PHE A 805 -14.19 -4.59 -42.57
N ASN A 806 -13.89 -3.83 -43.61
CA ASN A 806 -12.56 -3.25 -43.72
C ASN A 806 -12.35 -2.14 -42.70
N LYS A 807 -13.42 -1.45 -42.32
CA LYS A 807 -13.33 -0.34 -41.37
C LYS A 807 -12.97 -0.74 -39.92
N VAL A 808 -13.52 -1.86 -39.37
CA VAL A 808 -13.21 -2.32 -37.99
C VAL A 808 -11.99 -3.25 -38.11
N GLN A 818 -0.11 -13.77 -26.92
CA GLN A 818 -1.41 -13.36 -26.40
C GLN A 818 -2.27 -14.64 -26.17
N TYR A 819 -2.98 -15.13 -27.22
CA TYR A 819 -3.83 -16.33 -27.22
C TYR A 819 -3.57 -17.11 -28.51
N GLY A 820 -3.84 -18.41 -28.50
CA GLY A 820 -3.69 -19.22 -29.71
C GLY A 820 -4.95 -19.16 -30.56
N GLU A 821 -4.77 -19.31 -31.85
CA GLU A 821 -5.86 -19.32 -32.81
C GLU A 821 -5.39 -20.08 -34.04
N GLN A 835 -0.51 -22.86 -30.71
CA GLN A 835 -0.84 -22.87 -29.29
C GLN A 835 0.08 -21.95 -28.51
N LYS A 836 -0.37 -21.51 -27.34
CA LYS A 836 0.44 -20.68 -26.46
C LYS A 836 0.64 -21.39 -25.14
N PHE A 837 1.70 -21.01 -24.44
CA PHE A 837 2.05 -21.59 -23.15
C PHE A 837 1.06 -21.22 -22.06
N ASN A 838 0.30 -20.18 -22.27
CA ASN A 838 -0.64 -19.74 -21.26
C ASN A 838 -1.99 -20.42 -21.31
N GLY A 839 -2.21 -21.31 -22.27
CA GLY A 839 -3.46 -22.04 -22.32
C GLY A 839 -4.66 -21.28 -22.85
N LEU A 840 -4.46 -20.10 -23.43
CA LEU A 840 -5.61 -19.34 -23.87
C LEU A 840 -5.82 -19.52 -25.35
N THR A 841 -7.07 -19.54 -25.79
CA THR A 841 -7.37 -19.63 -27.21
C THR A 841 -8.71 -19.02 -27.59
N VAL A 842 -8.85 -18.66 -28.86
CA VAL A 842 -10.14 -18.17 -29.33
C VAL A 842 -10.71 -19.07 -30.41
N LEU A 843 -11.93 -19.51 -30.16
CA LEU A 843 -12.63 -20.45 -30.99
C LEU A 843 -13.29 -19.74 -32.18
N PRO A 844 -13.48 -20.42 -33.32
CA PRO A 844 -14.20 -19.89 -34.46
C PRO A 844 -15.70 -19.89 -34.19
N PRO A 845 -16.48 -19.03 -34.86
CA PRO A 845 -17.93 -18.96 -34.86
C PRO A 845 -18.53 -20.11 -35.63
N LEU A 846 -19.76 -20.48 -35.32
CA LEU A 846 -20.48 -21.49 -36.08
C LEU A 846 -20.86 -21.01 -37.46
N LEU A 847 -21.33 -19.78 -37.52
CA LEU A 847 -21.74 -19.21 -38.78
C LEU A 847 -20.62 -18.32 -39.26
N THR A 848 -20.07 -18.64 -40.41
CA THR A 848 -18.96 -17.87 -40.92
C THR A 848 -19.37 -16.64 -41.67
N ASP A 849 -18.39 -15.88 -42.10
CA ASP A 849 -18.67 -14.61 -42.75
C ASP A 849 -19.46 -14.73 -44.02
N ASP A 850 -19.26 -15.81 -44.75
CA ASP A 850 -19.97 -16.02 -46.00
C ASP A 850 -21.42 -16.35 -45.74
N MET A 851 -21.68 -17.05 -44.64
CA MET A 851 -23.06 -17.41 -44.34
C MET A 851 -23.81 -16.18 -43.92
N ILE A 852 -23.16 -15.30 -43.18
CA ILE A 852 -23.84 -14.11 -42.74
C ILE A 852 -24.11 -13.21 -43.92
N ALA A 853 -23.13 -13.05 -44.81
CA ALA A 853 -23.38 -12.24 -45.98
C ALA A 853 -24.50 -12.85 -46.81
N ALA A 854 -24.56 -14.18 -46.93
CA ALA A 854 -25.62 -14.80 -47.71
C ALA A 854 -27.00 -14.56 -47.13
N TYR A 855 -27.13 -14.60 -45.79
CA TYR A 855 -28.44 -14.36 -45.20
C TYR A 855 -28.84 -12.94 -45.42
N THR A 856 -27.89 -12.04 -45.28
CA THR A 856 -28.15 -10.64 -45.41
C THR A 856 -28.56 -10.31 -46.81
N ALA A 857 -27.85 -10.86 -47.79
CA ALA A 857 -28.20 -10.61 -49.18
C ALA A 857 -29.58 -11.17 -49.50
N ALA A 858 -29.91 -12.36 -48.97
CA ALA A 858 -31.22 -12.94 -49.24
C ALA A 858 -32.30 -12.07 -48.69
N LEU A 859 -32.06 -11.52 -47.53
CA LEU A 859 -33.02 -10.67 -46.87
C LEU A 859 -33.21 -9.34 -47.57
N VAL A 860 -32.14 -8.67 -48.01
CA VAL A 860 -32.34 -7.42 -48.75
C VAL A 860 -32.95 -7.70 -50.10
N SER A 861 -32.43 -8.71 -50.80
CA SER A 861 -32.94 -9.03 -52.11
C SER A 861 -34.38 -9.36 -52.03
N GLY A 862 -34.75 -10.17 -51.06
CA GLY A 862 -36.11 -10.56 -50.91
C GLY A 862 -37.01 -9.39 -50.62
N THR A 863 -36.72 -8.55 -49.61
CA THR A 863 -37.71 -7.50 -49.29
C THR A 863 -37.79 -6.46 -50.40
N ALA A 864 -36.76 -6.37 -51.25
CA ALA A 864 -36.81 -5.48 -52.40
C ALA A 864 -37.92 -5.86 -53.37
N THR A 865 -38.30 -7.14 -53.48
CA THR A 865 -39.38 -7.52 -54.42
C THR A 865 -40.57 -8.28 -53.77
N ALA A 866 -40.37 -8.83 -52.57
CA ALA A 866 -41.32 -9.70 -51.82
C ALA A 866 -42.39 -8.93 -51.10
N GLY A 867 -42.24 -7.64 -51.09
CA GLY A 867 -43.19 -6.84 -50.37
C GLY A 867 -42.99 -7.02 -48.89
N TRP A 868 -44.06 -6.91 -48.17
CA TRP A 868 -44.08 -6.99 -46.72
C TRP A 868 -44.35 -8.39 -46.23
N THR A 869 -44.41 -9.38 -47.13
CA THR A 869 -44.70 -10.72 -46.67
C THR A 869 -43.46 -11.59 -46.69
N PHE A 870 -42.31 -10.99 -46.98
CA PHE A 870 -41.04 -11.69 -47.12
C PHE A 870 -40.81 -12.79 -46.08
N GLY A 871 -41.02 -12.46 -44.79
CA GLY A 871 -40.82 -13.38 -43.69
C GLY A 871 -42.12 -13.69 -42.96
N ALA A 872 -43.24 -13.28 -43.54
CA ALA A 872 -44.52 -13.48 -42.88
C ALA A 872 -45.24 -14.71 -43.43
N GLY A 873 -45.08 -14.93 -44.72
CA GLY A 873 -45.77 -16.01 -45.42
C GLY A 873 -45.23 -16.07 -46.81
N ALA A 874 -46.06 -16.44 -47.77
CA ALA A 874 -45.53 -16.49 -49.11
C ALA A 874 -45.13 -15.08 -49.53
N ALA A 875 -44.00 -14.97 -50.21
CA ALA A 875 -43.56 -13.70 -50.74
C ALA A 875 -44.52 -13.28 -51.82
N LEU A 876 -44.78 -11.99 -51.94
CA LEU A 876 -45.64 -11.54 -53.01
C LEU A 876 -44.78 -10.94 -54.06
N GLN A 877 -45.21 -10.92 -55.29
CA GLN A 877 -44.41 -10.23 -56.29
C GLN A 877 -45.05 -8.89 -56.53
N ILE A 878 -44.45 -7.86 -55.96
CA ILE A 878 -45.04 -6.54 -56.04
C ILE A 878 -44.03 -5.60 -56.68
N PRO A 879 -44.39 -4.76 -57.66
CA PRO A 879 -43.48 -3.81 -58.25
C PRO A 879 -42.94 -2.99 -57.12
N PHE A 880 -41.67 -2.65 -57.17
CA PHE A 880 -41.09 -1.90 -56.06
C PHE A 880 -41.83 -0.62 -55.81
N ALA A 881 -42.18 0.09 -56.87
CA ALA A 881 -42.88 1.35 -56.70
C ALA A 881 -44.20 1.16 -55.95
N MET A 882 -44.90 0.05 -56.13
CA MET A 882 -46.14 -0.09 -55.42
C MET A 882 -45.83 -0.40 -53.99
N GLN A 883 -44.82 -1.19 -53.75
CA GLN A 883 -44.49 -1.50 -52.39
C GLN A 883 -44.23 -0.23 -51.63
N MET A 884 -43.48 0.69 -52.25
CA MET A 884 -43.19 1.95 -51.62
C MET A 884 -44.49 2.76 -51.42
N ALA A 885 -45.41 2.72 -52.39
CA ALA A 885 -46.65 3.45 -52.27
C ALA A 885 -47.43 3.03 -51.06
N TYR A 886 -47.37 1.75 -50.76
CA TYR A 886 -48.08 1.25 -49.61
C TYR A 886 -47.41 1.67 -48.33
N ARG A 887 -46.09 1.86 -48.36
CA ARG A 887 -45.41 2.27 -47.14
C ARG A 887 -45.73 3.74 -46.85
N PHE A 888 -46.00 4.54 -47.89
CA PHE A 888 -46.44 5.94 -47.69
C PHE A 888 -47.87 5.97 -47.17
N ASN A 889 -48.71 5.10 -47.73
CA ASN A 889 -50.10 5.00 -47.33
C ASN A 889 -50.16 4.60 -45.85
N GLY A 890 -49.18 3.80 -45.45
CA GLY A 890 -49.03 3.31 -44.09
C GLY A 890 -48.65 4.38 -43.06
N ILE A 891 -48.20 5.56 -43.52
CA ILE A 891 -47.82 6.68 -42.66
C ILE A 891 -49.02 7.56 -42.50
N GLY A 892 -49.72 7.75 -43.61
CA GLY A 892 -50.88 8.61 -43.61
C GLY A 892 -50.76 9.65 -44.69
N VAL A 893 -49.89 9.39 -45.66
CA VAL A 893 -49.75 10.28 -46.78
C VAL A 893 -50.47 9.61 -47.92
N THR A 894 -51.39 10.32 -48.57
CA THR A 894 -52.17 9.70 -49.63
C THR A 894 -51.26 9.03 -50.63
N GLN A 895 -51.63 7.82 -51.00
CA GLN A 895 -50.86 6.95 -51.88
C GLN A 895 -50.41 7.60 -53.17
N ASN A 896 -51.20 8.50 -53.74
CA ASN A 896 -50.85 9.09 -55.03
C ASN A 896 -49.56 9.89 -55.00
N VAL A 897 -49.13 10.30 -53.81
CA VAL A 897 -47.95 11.12 -53.69
C VAL A 897 -46.76 10.40 -54.25
N LEU A 898 -46.65 9.10 -54.02
CA LEU A 898 -45.47 8.41 -54.52
C LEU A 898 -45.33 8.45 -56.00
N TYR A 899 -46.42 8.30 -56.70
CA TYR A 899 -46.27 8.21 -58.13
C TYR A 899 -46.04 9.59 -58.69
N GLU A 900 -46.74 10.58 -58.14
CA GLU A 900 -46.62 11.93 -58.64
C GLU A 900 -45.21 12.46 -58.46
N ASN A 901 -44.58 12.07 -57.36
CA ASN A 901 -43.24 12.49 -57.01
C ASN A 901 -42.25 11.33 -57.10
N GLN A 902 -42.52 10.31 -57.91
CA GLN A 902 -41.62 9.17 -57.94
C GLN A 902 -40.21 9.49 -58.32
N LYS A 903 -40.01 10.43 -59.23
CA LYS A 903 -38.65 10.74 -59.64
C LYS A 903 -37.86 11.33 -58.49
N GLN A 904 -38.50 12.17 -57.70
CA GLN A 904 -37.84 12.84 -56.60
C GLN A 904 -37.57 11.88 -55.48
N ILE A 905 -38.50 10.97 -55.25
CA ILE A 905 -38.35 9.99 -54.22
C ILE A 905 -37.22 9.03 -54.56
N ALA A 906 -37.21 8.53 -55.79
CA ALA A 906 -36.14 7.65 -56.18
C ALA A 906 -34.80 8.37 -56.14
N ASN A 907 -34.76 9.66 -56.53
CA ASN A 907 -33.49 10.34 -56.52
C ASN A 907 -32.99 10.55 -55.11
N GLN A 908 -33.88 10.85 -54.18
CA GLN A 908 -33.46 11.05 -52.81
C GLN A 908 -32.93 9.76 -52.22
N PHE A 909 -33.57 8.64 -52.54
CA PHE A 909 -33.10 7.36 -52.07
C PHE A 909 -31.69 7.10 -52.55
N ASN A 910 -31.45 7.30 -53.82
CA ASN A 910 -30.15 6.98 -54.33
C ASN A 910 -29.19 7.88 -53.62
N LYS A 911 -29.41 9.17 -53.60
CA LYS A 911 -28.42 10.05 -53.01
C LYS A 911 -28.13 9.65 -51.59
N ALA A 912 -29.16 9.25 -50.83
CA ALA A 912 -28.97 8.85 -49.46
C ALA A 912 -28.01 7.69 -49.36
N ILE A 913 -28.07 6.76 -50.32
CA ILE A 913 -27.14 5.64 -50.29
C ILE A 913 -25.72 6.15 -50.52
N SER A 914 -25.53 7.05 -51.48
CA SER A 914 -24.19 7.56 -51.68
C SER A 914 -23.69 8.31 -50.45
N GLN A 915 -24.57 9.03 -49.77
CA GLN A 915 -24.16 9.79 -48.59
C GLN A 915 -23.70 8.89 -47.45
N ILE A 916 -24.37 7.75 -47.24
CA ILE A 916 -23.92 6.87 -46.17
C ILE A 916 -22.60 6.23 -46.55
N GLN A 917 -22.36 5.98 -47.84
CA GLN A 917 -21.07 5.41 -48.21
C GLN A 917 -19.97 6.40 -47.95
N GLU A 918 -20.19 7.67 -48.26
CA GLU A 918 -19.16 8.67 -48.05
C GLU A 918 -18.86 8.86 -46.59
N SER A 919 -19.91 8.89 -45.76
CA SER A 919 -19.74 9.08 -44.33
C SER A 919 -18.98 7.93 -43.73
N LEU A 920 -19.38 6.71 -44.10
CA LEU A 920 -18.73 5.54 -43.57
C LEU A 920 -17.31 5.43 -44.07
N THR A 921 -17.07 5.75 -45.33
CA THR A 921 -15.74 5.61 -45.89
C THR A 921 -14.72 6.49 -45.20
N THR A 922 -15.07 7.75 -44.93
CA THR A 922 -14.07 8.66 -44.38
C THR A 922 -14.01 8.78 -42.85
N THR A 923 -15.04 8.38 -42.11
CA THR A 923 -14.95 8.55 -40.66
C THR A 923 -14.27 7.42 -39.92
N SER A 924 -14.15 7.63 -38.63
CA SER A 924 -13.53 6.68 -37.72
C SER A 924 -14.45 6.26 -36.57
N THR A 925 -15.62 6.89 -36.45
CA THR A 925 -16.50 6.63 -35.31
C THR A 925 -17.78 5.85 -35.59
N ALA A 926 -18.14 5.65 -36.86
CA ALA A 926 -19.42 5.02 -37.19
C ALA A 926 -19.61 3.65 -36.59
N LEU A 927 -18.54 2.88 -36.48
CA LEU A 927 -18.63 1.55 -35.98
C LEU A 927 -17.95 1.44 -34.62
N GLY A 928 -17.92 2.53 -33.87
CA GLY A 928 -17.27 2.53 -32.56
C GLY A 928 -17.81 1.45 -31.63
N LYS A 929 -19.10 1.14 -31.74
CA LYS A 929 -19.69 0.10 -30.92
C LYS A 929 -19.13 -1.29 -31.21
N LEU A 930 -18.71 -1.55 -32.45
CA LEU A 930 -18.21 -2.87 -32.76
C LEU A 930 -16.75 -2.89 -32.37
N GLN A 931 -16.09 -1.74 -32.46
CA GLN A 931 -14.71 -1.68 -32.05
C GLN A 931 -14.62 -1.93 -30.55
N ASP A 932 -15.61 -1.44 -29.80
CA ASP A 932 -15.69 -1.59 -28.37
C ASP A 932 -15.80 -3.05 -27.95
N VAL A 933 -16.64 -3.86 -28.60
CA VAL A 933 -16.68 -5.24 -28.14
C VAL A 933 -15.33 -5.93 -28.40
N VAL A 934 -14.67 -5.55 -29.49
CA VAL A 934 -13.37 -6.13 -29.79
C VAL A 934 -12.32 -5.72 -28.76
N ASN A 935 -12.31 -4.43 -28.39
CA ASN A 935 -11.32 -3.95 -27.45
C ASN A 935 -11.50 -4.57 -26.08
N GLN A 936 -12.75 -4.79 -25.65
CA GLN A 936 -12.93 -5.35 -24.33
C GLN A 936 -12.42 -6.77 -24.27
N ASN A 937 -12.60 -7.54 -25.35
CA ASN A 937 -12.09 -8.89 -25.37
C ASN A 937 -10.59 -8.89 -25.19
N ALA A 938 -9.91 -8.03 -25.96
CA ALA A 938 -8.48 -7.98 -25.88
C ALA A 938 -7.99 -7.58 -24.51
N GLN A 939 -8.67 -6.64 -23.88
CA GLN A 939 -8.23 -6.19 -22.58
C GLN A 939 -8.39 -7.26 -21.53
N ALA A 940 -9.49 -8.01 -21.59
CA ALA A 940 -9.72 -9.06 -20.62
C ALA A 940 -8.67 -10.16 -20.75
N LEU A 941 -8.31 -10.52 -21.99
CA LEU A 941 -7.30 -11.54 -22.17
C LEU A 941 -5.94 -11.02 -21.82
N ASN A 942 -5.66 -9.75 -22.10
CA ASN A 942 -4.35 -9.26 -21.75
C ASN A 942 -4.19 -9.23 -20.26
N THR A 943 -5.28 -8.94 -19.54
CA THR A 943 -5.23 -8.91 -18.10
C THR A 943 -4.93 -10.29 -17.57
N LEU A 944 -5.59 -11.30 -18.13
CA LEU A 944 -5.42 -12.67 -17.69
C LEU A 944 -3.99 -13.14 -17.91
N VAL A 945 -3.39 -12.76 -19.04
CA VAL A 945 -2.01 -13.14 -19.29
C VAL A 945 -1.05 -12.40 -18.36
N LYS A 946 -1.23 -11.10 -18.16
CA LYS A 946 -0.32 -10.36 -17.29
C LYS A 946 -0.29 -10.93 -15.89
N GLN A 947 -1.43 -11.44 -15.41
CA GLN A 947 -1.49 -12.00 -14.06
C GLN A 947 -0.52 -13.15 -13.87
N LEU A 948 -0.10 -13.82 -14.93
CA LEU A 948 0.81 -14.94 -14.78
C LEU A 948 2.14 -14.52 -14.23
N SER A 949 2.57 -13.28 -14.50
CA SER A 949 3.86 -12.84 -14.05
C SER A 949 3.86 -12.46 -12.59
N SER A 950 2.69 -12.33 -11.97
CA SER A 950 2.70 -11.97 -10.57
C SER A 950 3.15 -13.18 -9.82
N ASN A 951 3.93 -13.01 -8.79
CA ASN A 951 4.33 -14.17 -8.04
C ASN A 951 3.40 -14.41 -6.86
N PHE A 952 2.48 -13.49 -6.63
CA PHE A 952 1.54 -13.60 -5.52
C PHE A 952 2.21 -13.84 -4.16
N GLY A 953 3.43 -13.35 -3.97
CA GLY A 953 4.16 -13.53 -2.73
C GLY A 953 5.19 -14.66 -2.80
N ALA A 954 5.15 -15.45 -3.87
CA ALA A 954 6.07 -16.55 -4.07
C ALA A 954 7.42 -16.02 -4.48
N ILE A 955 8.45 -16.83 -4.33
CA ILE A 955 9.80 -16.43 -4.77
C ILE A 955 9.91 -16.22 -6.28
N SER A 956 9.01 -16.84 -7.03
CA SER A 956 8.96 -16.68 -8.48
C SER A 956 7.60 -16.95 -9.05
N SER A 957 7.34 -16.33 -10.19
CA SER A 957 6.13 -16.51 -10.97
C SER A 957 6.20 -17.77 -11.82
N VAL A 958 7.39 -18.33 -11.93
CA VAL A 958 7.61 -19.49 -12.76
C VAL A 958 7.78 -20.72 -11.90
N LEU A 959 6.96 -21.74 -12.15
CA LEU A 959 7.02 -22.94 -11.33
C LEU A 959 8.37 -23.62 -11.42
N ASN A 960 9.00 -23.52 -12.57
CA ASN A 960 10.27 -24.15 -12.76
C ASN A 960 11.42 -23.42 -12.07
N ASP A 961 11.18 -22.18 -11.57
CA ASP A 961 12.21 -21.44 -10.83
C ASP A 961 12.07 -21.75 -9.37
N ILE A 962 11.05 -22.53 -9.06
CA ILE A 962 10.82 -22.93 -7.73
C ILE A 962 11.34 -24.35 -7.68
N LEU A 963 10.81 -25.18 -8.56
CA LEU A 963 11.20 -26.57 -8.51
C LEU A 963 12.66 -26.87 -8.85
N SER A 964 13.25 -26.18 -9.82
CA SER A 964 14.61 -26.50 -10.23
C SER A 964 15.67 -26.18 -9.19
N ARG A 965 15.33 -25.38 -8.19
CA ARG A 965 16.31 -25.00 -7.19
C ARG A 965 15.75 -25.02 -5.78
N LEU A 966 14.76 -25.85 -5.52
CA LEU A 966 14.21 -25.85 -4.17
C LEU A 966 13.73 -27.24 -3.80
N ASP A 967 13.93 -27.67 -2.58
CA ASP A 967 13.46 -28.98 -2.20
C ASP A 967 11.94 -29.03 -2.30
N LYS A 968 11.32 -30.20 -2.57
CA LYS A 968 9.89 -30.38 -2.64
C LYS A 968 9.13 -29.73 -1.48
N VAL A 969 9.43 -29.97 -0.18
CA VAL A 969 8.71 -29.38 0.92
C VAL A 969 8.54 -27.86 0.78
N GLU A 970 9.64 -27.12 0.60
CA GLU A 970 9.45 -25.69 0.46
C GLU A 970 8.78 -25.40 -0.87
N ALA A 971 9.09 -26.15 -1.93
CA ALA A 971 8.47 -25.85 -3.19
C ALA A 971 6.96 -25.94 -3.08
N GLU A 972 6.44 -26.89 -2.32
CA GLU A 972 5.00 -26.99 -2.18
C GLU A 972 4.44 -25.73 -1.55
N VAL A 973 5.18 -25.12 -0.63
CA VAL A 973 4.71 -23.89 -0.03
C VAL A 973 4.63 -22.78 -1.06
N GLN A 974 5.70 -22.66 -1.85
CA GLN A 974 5.79 -21.61 -2.85
C GLN A 974 4.79 -21.82 -4.00
N ILE A 975 4.54 -23.07 -4.35
CA ILE A 975 3.64 -23.44 -5.41
C ILE A 975 2.21 -23.19 -4.97
N ASP A 976 1.84 -23.59 -3.76
CA ASP A 976 0.46 -23.35 -3.34
C ASP A 976 0.18 -21.87 -3.28
N ARG A 977 1.17 -21.07 -2.90
CA ARG A 977 0.92 -19.65 -2.86
C ARG A 977 0.62 -19.15 -4.27
N LEU A 978 1.40 -19.63 -5.24
CA LEU A 978 1.25 -19.24 -6.61
C LEU A 978 -0.09 -19.75 -7.19
N ILE A 979 -0.52 -20.96 -6.82
CA ILE A 979 -1.79 -21.49 -7.30
C ILE A 979 -2.95 -20.67 -6.80
N THR A 980 -2.96 -20.32 -5.52
CA THR A 980 -4.11 -19.58 -5.02
C THR A 980 -4.32 -18.33 -5.84
N GLY A 981 -3.25 -17.64 -6.12
CA GLY A 981 -3.34 -16.44 -6.92
C GLY A 981 -3.94 -16.70 -8.30
N ARG A 982 -3.44 -17.73 -8.98
CA ARG A 982 -3.94 -18.03 -10.31
C ARG A 982 -5.39 -18.50 -10.31
N LEU A 983 -5.84 -19.16 -9.25
CA LEU A 983 -7.22 -19.58 -9.22
C LEU A 983 -8.10 -18.35 -9.21
N GLN A 984 -7.67 -17.32 -8.46
CA GLN A 984 -8.46 -16.10 -8.41
C GLN A 984 -8.42 -15.36 -9.73
N SER A 985 -7.30 -15.44 -10.44
CA SER A 985 -7.21 -14.78 -11.74
C SER A 985 -8.20 -15.37 -12.72
N LEU A 986 -8.27 -16.70 -12.77
CA LEU A 986 -9.22 -17.35 -13.66
C LEU A 986 -10.65 -17.14 -13.24
N GLN A 987 -10.92 -17.17 -11.93
CA GLN A 987 -12.27 -16.97 -11.50
C GLN A 987 -12.74 -15.56 -11.79
N THR A 988 -11.84 -14.59 -11.66
CA THR A 988 -12.19 -13.22 -11.95
C THR A 988 -12.50 -13.10 -13.42
N TYR A 989 -11.66 -13.70 -14.27
CA TYR A 989 -11.88 -13.63 -15.69
C TYR A 989 -13.21 -14.17 -16.10
N VAL A 990 -13.56 -15.35 -15.63
CA VAL A 990 -14.81 -15.92 -16.07
C VAL A 990 -15.96 -15.08 -15.58
N THR A 991 -15.92 -14.61 -14.35
CA THR A 991 -17.01 -13.83 -13.81
C THR A 991 -17.24 -12.57 -14.63
N GLN A 992 -16.17 -11.85 -14.97
CA GLN A 992 -16.37 -10.64 -15.75
C GLN A 992 -16.83 -10.95 -17.17
N GLN A 993 -16.34 -12.06 -17.74
CA GLN A 993 -16.72 -12.43 -19.09
C GLN A 993 -18.19 -12.79 -19.08
N LEU A 994 -18.66 -13.35 -17.99
CA LEU A 994 -20.04 -13.73 -17.84
C LEU A 994 -20.97 -12.53 -17.78
N ILE A 995 -20.60 -11.49 -17.05
CA ILE A 995 -21.53 -10.36 -17.03
C ILE A 995 -21.51 -9.63 -18.38
N ARG A 996 -20.36 -9.58 -19.05
CA ARG A 996 -20.30 -8.96 -20.36
C ARG A 996 -21.16 -9.74 -21.32
N ALA A 997 -21.18 -11.07 -21.19
CA ALA A 997 -22.01 -11.87 -22.06
C ALA A 997 -23.47 -11.50 -21.93
N ALA A 998 -23.91 -11.18 -20.71
CA ALA A 998 -25.30 -10.80 -20.52
C ALA A 998 -25.62 -9.49 -21.25
N GLU A 999 -24.68 -8.56 -21.26
CA GLU A 999 -24.92 -7.31 -21.99
C GLU A 999 -25.02 -7.56 -23.49
N ILE A 1000 -24.18 -8.47 -23.98
CA ILE A 1000 -24.22 -8.81 -25.39
C ILE A 1000 -25.52 -9.46 -25.72
N ARG A 1001 -26.02 -10.34 -24.88
CA ARG A 1001 -27.30 -10.94 -25.19
C ARG A 1001 -28.39 -9.88 -25.24
N ALA A 1002 -28.38 -8.91 -24.35
CA ALA A 1002 -29.41 -7.89 -24.43
C ALA A 1002 -29.35 -7.14 -25.76
N SER A 1003 -28.15 -6.85 -26.24
CA SER A 1003 -27.99 -6.15 -27.52
C SER A 1003 -28.49 -7.03 -28.66
N ALA A 1004 -28.13 -8.31 -28.63
CA ALA A 1004 -28.58 -9.21 -29.67
C ALA A 1004 -30.09 -9.34 -29.67
N ASN A 1005 -30.73 -9.32 -28.48
CA ASN A 1005 -32.17 -9.44 -28.44
C ASN A 1005 -32.82 -8.23 -29.06
N LEU A 1006 -32.22 -7.05 -28.86
CA LEU A 1006 -32.74 -5.86 -29.48
C LEU A 1006 -32.61 -5.96 -30.96
N ALA A 1007 -31.45 -6.40 -31.44
CA ALA A 1007 -31.27 -6.50 -32.87
C ALA A 1007 -32.24 -7.46 -33.49
N ALA A 1008 -32.51 -8.57 -32.82
CA ALA A 1008 -33.43 -9.54 -33.37
C ALA A 1008 -34.83 -8.97 -33.44
N THR A 1009 -35.23 -8.20 -32.42
CA THR A 1009 -36.54 -7.57 -32.40
C THR A 1009 -36.65 -6.58 -33.51
N LYS A 1010 -35.60 -5.80 -33.69
CA LYS A 1010 -35.51 -4.78 -34.69
C LYS A 1010 -35.57 -5.38 -36.07
N MET A 1011 -34.92 -6.52 -36.28
CA MET A 1011 -34.99 -7.15 -37.59
C MET A 1011 -36.46 -7.47 -37.88
N SER A 1012 -37.15 -8.02 -36.90
CA SER A 1012 -38.55 -8.38 -37.06
C SER A 1012 -39.48 -7.20 -37.32
N GLU A 1013 -39.31 -6.11 -36.58
CA GLU A 1013 -40.19 -4.97 -36.77
C GLU A 1013 -39.79 -3.92 -37.84
N CYS A 1014 -38.48 -3.75 -38.17
CA CYS A 1014 -38.01 -2.74 -39.13
C CYS A 1014 -37.73 -3.33 -40.51
N VAL A 1015 -37.28 -4.60 -40.61
CA VAL A 1015 -36.90 -5.18 -41.90
C VAL A 1015 -37.97 -6.06 -42.48
N LEU A 1016 -38.55 -6.90 -41.65
CA LEU A 1016 -39.50 -7.88 -42.15
C LEU A 1016 -40.91 -7.33 -42.25
N GLY A 1017 -41.08 -6.07 -41.93
CA GLY A 1017 -42.36 -5.39 -41.98
C GLY A 1017 -42.18 -3.91 -41.69
N GLN A 1018 -43.29 -3.19 -41.56
CA GLN A 1018 -43.22 -1.77 -41.30
C GLN A 1018 -43.68 -1.44 -39.89
N SER A 1019 -42.74 -1.03 -39.07
CA SER A 1019 -43.02 -0.67 -37.70
C SER A 1019 -43.81 0.59 -37.62
N LYS A 1020 -44.75 0.64 -36.69
CA LYS A 1020 -45.57 1.84 -36.47
C LYS A 1020 -45.20 2.58 -35.20
N ARG A 1021 -44.17 2.14 -34.50
CA ARG A 1021 -43.84 2.78 -33.23
C ARG A 1021 -42.91 3.96 -33.43
N VAL A 1022 -42.93 4.85 -32.47
CA VAL A 1022 -42.14 6.06 -32.49
C VAL A 1022 -40.69 5.92 -32.08
N ASP A 1023 -39.79 6.50 -32.87
CA ASP A 1023 -38.35 6.52 -32.57
C ASP A 1023 -37.77 5.16 -32.28
N PHE A 1024 -38.07 4.20 -33.14
CA PHE A 1024 -37.49 2.87 -33.01
C PHE A 1024 -36.64 2.47 -34.22
N CYS A 1025 -37.13 2.72 -35.46
CA CYS A 1025 -36.49 2.36 -36.72
C CYS A 1025 -35.93 3.64 -37.37
N GLY A 1026 -35.85 4.73 -36.64
CA GLY A 1026 -35.33 5.95 -37.24
C GLY A 1026 -35.93 7.14 -36.55
N LYS A 1027 -35.62 8.34 -37.02
CA LYS A 1027 -36.14 9.52 -36.33
C LYS A 1027 -37.46 10.06 -36.87
N GLY A 1028 -37.75 9.76 -38.11
CA GLY A 1028 -38.96 10.24 -38.76
C GLY A 1028 -39.94 9.09 -38.90
N TYR A 1029 -40.65 9.05 -40.00
CA TYR A 1029 -41.63 8.01 -40.17
C TYR A 1029 -40.97 6.84 -40.89
N HIS A 1030 -41.16 5.63 -40.40
CA HIS A 1030 -40.51 4.50 -41.03
C HIS A 1030 -41.17 4.03 -42.31
N LEU A 1031 -40.36 3.77 -43.35
CA LEU A 1031 -40.82 3.18 -44.59
C LEU A 1031 -40.26 1.78 -44.80
N MET A 1032 -38.93 1.64 -44.75
CA MET A 1032 -38.25 0.37 -45.06
C MET A 1032 -36.89 0.27 -44.38
N SER A 1033 -36.29 -0.92 -44.29
CA SER A 1033 -34.91 -0.98 -43.81
C SER A 1033 -34.14 -2.11 -44.43
N PHE A 1034 -32.81 -2.00 -44.38
CA PHE A 1034 -31.94 -3.00 -44.93
C PHE A 1034 -30.84 -3.34 -43.93
N PRO A 1035 -30.67 -4.58 -43.51
CA PRO A 1035 -29.61 -4.99 -42.65
C PRO A 1035 -28.37 -5.06 -43.48
N GLN A 1036 -27.22 -4.95 -42.86
CA GLN A 1036 -25.92 -5.19 -43.46
C GLN A 1036 -25.06 -6.04 -42.52
N ALA A 1037 -24.25 -6.93 -43.10
CA ALA A 1037 -23.33 -7.74 -42.31
C ALA A 1037 -22.20 -6.87 -41.76
N ALA A 1038 -21.72 -7.17 -40.57
CA ALA A 1038 -20.63 -6.41 -39.99
C ALA A 1038 -19.87 -7.30 -39.02
N PRO A 1039 -18.61 -7.06 -38.72
CA PRO A 1039 -17.87 -7.86 -37.79
C PRO A 1039 -18.48 -7.73 -36.42
N HIS A 1040 -18.76 -8.87 -35.80
CA HIS A 1040 -19.35 -8.97 -34.47
C HIS A 1040 -20.70 -8.30 -34.30
N GLY A 1041 -21.41 -8.00 -35.40
CA GLY A 1041 -22.68 -7.33 -35.21
C GLY A 1041 -23.45 -7.03 -36.47
N VAL A 1042 -24.49 -6.23 -36.31
CA VAL A 1042 -25.36 -5.89 -37.42
C VAL A 1042 -25.48 -4.40 -37.57
N VAL A 1043 -25.50 -3.96 -38.81
CA VAL A 1043 -25.69 -2.56 -39.09
C VAL A 1043 -26.95 -2.38 -39.91
N PHE A 1044 -27.83 -1.50 -39.48
CA PHE A 1044 -29.05 -1.31 -40.22
C PHE A 1044 -29.07 0.01 -40.93
N LEU A 1045 -29.64 -0.01 -42.11
CA LEU A 1045 -29.91 1.20 -42.86
C LEU A 1045 -31.40 1.39 -42.85
N HIS A 1046 -31.87 2.50 -42.30
CA HIS A 1046 -33.31 2.69 -42.22
C HIS A 1046 -33.75 3.80 -43.13
N VAL A 1047 -34.77 3.53 -43.94
CA VAL A 1047 -35.30 4.51 -44.87
C VAL A 1047 -36.45 5.22 -44.20
N THR A 1048 -36.24 6.52 -43.98
CA THR A 1048 -37.14 7.37 -43.23
C THR A 1048 -37.74 8.54 -43.98
N TYR A 1049 -39.05 8.69 -43.83
CA TYR A 1049 -39.79 9.80 -44.42
C TYR A 1049 -39.81 10.95 -43.45
N VAL A 1050 -39.36 12.11 -43.89
CA VAL A 1050 -39.30 13.26 -43.03
C VAL A 1050 -40.08 14.44 -43.64
N PRO A 1051 -41.09 15.00 -42.96
CA PRO A 1051 -41.83 16.14 -43.43
C PRO A 1051 -40.86 17.30 -43.58
N SER A 1052 -41.04 18.17 -44.56
CA SER A 1052 -40.14 19.30 -44.75
C SER A 1052 -40.83 20.63 -44.55
N GLN A 1053 -40.52 21.58 -45.41
CA GLN A 1053 -41.01 22.95 -45.26
C GLN A 1053 -42.50 22.98 -45.05
N GLU A 1054 -42.92 23.70 -44.02
CA GLU A 1054 -44.32 23.85 -43.66
C GLU A 1054 -44.89 25.22 -43.93
N ARG A 1055 -46.20 25.25 -44.12
CA ARG A 1055 -46.94 26.47 -44.31
C ARG A 1055 -47.97 26.67 -43.21
N ASN A 1056 -48.20 27.93 -42.82
CA ASN A 1056 -49.22 28.24 -41.83
C ASN A 1056 -50.58 28.52 -42.42
N PHE A 1057 -51.59 27.94 -41.79
CA PHE A 1057 -52.97 28.11 -42.17
C PHE A 1057 -53.85 28.50 -41.02
N THR A 1058 -54.94 29.19 -41.32
CA THR A 1058 -55.89 29.47 -40.24
C THR A 1058 -56.81 28.28 -40.18
N THR A 1059 -57.19 27.83 -38.98
CA THR A 1059 -58.08 26.67 -38.90
C THR A 1059 -59.41 26.91 -38.22
N ALA A 1060 -60.20 25.85 -38.19
CA ALA A 1060 -61.51 25.83 -37.58
C ALA A 1060 -61.88 24.37 -37.29
N PRO A 1061 -62.25 23.99 -36.06
CA PRO A 1061 -62.58 22.63 -35.67
C PRO A 1061 -63.84 22.07 -36.29
N ALA A 1062 -64.73 22.93 -36.76
CA ALA A 1062 -65.96 22.47 -37.37
C ALA A 1062 -66.55 23.58 -38.18
N ILE A 1063 -67.42 23.22 -39.10
CA ILE A 1063 -68.11 24.24 -39.87
C ILE A 1063 -69.62 24.11 -39.76
N CYS A 1064 -70.32 25.26 -39.79
CA CYS A 1064 -71.77 25.41 -39.73
C CYS A 1064 -72.38 25.49 -41.12
N HIS A 1065 -73.27 24.58 -41.43
CA HIS A 1065 -73.90 24.63 -42.72
C HIS A 1065 -75.36 24.25 -42.63
N GLU A 1066 -76.22 25.21 -42.92
CA GLU A 1066 -77.67 25.03 -42.84
C GLU A 1066 -78.10 24.54 -41.45
N GLY A 1067 -77.44 25.01 -40.41
CA GLY A 1067 -77.78 24.63 -39.05
C GLY A 1067 -77.07 23.36 -38.55
N LYS A 1068 -76.41 22.61 -39.45
CA LYS A 1068 -75.74 21.38 -39.07
C LYS A 1068 -74.28 21.60 -38.68
N ALA A 1069 -73.77 20.76 -37.78
CA ALA A 1069 -72.34 20.84 -37.49
C ALA A 1069 -71.57 19.75 -38.23
N TYR A 1070 -70.77 20.18 -39.19
CA TYR A 1070 -69.99 19.26 -40.00
C TYR A 1070 -68.55 19.16 -39.53
N PHE A 1071 -68.08 17.94 -39.47
CA PHE A 1071 -66.74 17.63 -39.05
C PHE A 1071 -66.03 16.90 -40.17
N PRO A 1072 -64.71 17.03 -40.32
CA PRO A 1072 -63.92 16.37 -41.33
C PRO A 1072 -63.84 14.90 -41.00
N ARG A 1073 -63.76 14.04 -41.99
CA ARG A 1073 -63.61 12.63 -41.65
C ARG A 1073 -62.17 12.22 -41.36
N GLU A 1074 -61.23 12.68 -42.19
CA GLU A 1074 -59.83 12.29 -42.05
C GLU A 1074 -58.86 13.45 -41.85
N GLY A 1075 -59.15 14.59 -42.46
CA GLY A 1075 -58.24 15.70 -42.45
C GLY A 1075 -58.64 16.80 -41.48
N VAL A 1076 -58.18 17.99 -41.78
CA VAL A 1076 -58.44 19.19 -40.99
C VAL A 1076 -58.98 20.27 -41.89
N PHE A 1077 -59.66 21.26 -41.33
CA PHE A 1077 -60.11 22.36 -42.17
C PHE A 1077 -59.10 23.49 -42.07
N VAL A 1078 -58.72 24.03 -43.23
CA VAL A 1078 -57.79 25.13 -43.30
C VAL A 1078 -58.22 26.25 -44.20
N PHE A 1079 -57.79 27.46 -43.87
CA PHE A 1079 -58.07 28.61 -44.69
C PHE A 1079 -56.86 29.01 -45.51
N ASN A 1080 -57.10 28.93 -46.82
CA ASN A 1080 -56.23 29.19 -47.94
C ASN A 1080 -56.66 30.51 -48.58
N GLY A 1081 -55.98 30.92 -49.67
CA GLY A 1081 -56.29 32.16 -50.37
C GLY A 1081 -57.82 32.11 -50.46
N THR A 1082 -58.43 32.97 -49.65
CA THR A 1082 -59.84 33.33 -49.55
C THR A 1082 -60.78 32.16 -49.76
N SER A 1083 -60.43 30.99 -49.22
CA SER A 1083 -61.29 29.82 -49.32
C SER A 1083 -60.94 28.71 -48.34
N TRP A 1084 -61.95 28.01 -47.86
CA TRP A 1084 -61.74 26.88 -46.96
C TRP A 1084 -61.60 25.55 -47.70
N PHE A 1085 -60.58 24.81 -47.30
CA PHE A 1085 -60.22 23.51 -47.85
C PHE A 1085 -59.94 22.46 -46.79
N ILE A 1086 -60.03 21.20 -47.18
CA ILE A 1086 -59.72 20.13 -46.25
C ILE A 1086 -58.43 19.40 -46.64
N THR A 1087 -57.51 19.24 -45.67
CA THR A 1087 -56.18 18.64 -45.89
C THR A 1087 -55.75 17.54 -44.94
N GLN A 1088 -54.72 16.80 -45.34
CA GLN A 1088 -54.12 15.80 -44.49
C GLN A 1088 -53.06 16.43 -43.60
N ARG A 1089 -52.96 15.97 -42.38
CA ARG A 1089 -52.00 16.53 -41.44
C ARG A 1089 -50.53 16.46 -41.86
N ASN A 1090 -50.11 15.42 -42.57
CA ASN A 1090 -48.69 15.33 -42.93
C ASN A 1090 -48.35 15.81 -44.33
N PHE A 1091 -49.31 16.35 -45.07
CA PHE A 1091 -48.97 16.78 -46.41
C PHE A 1091 -50.03 17.69 -46.98
N PHE A 1092 -49.65 18.88 -47.39
CA PHE A 1092 -50.65 19.79 -47.91
C PHE A 1092 -51.07 19.53 -49.35
N SER A 1093 -52.32 19.11 -49.47
CA SER A 1093 -52.97 18.77 -50.74
C SER A 1093 -54.47 19.04 -50.59
N PRO A 1094 -54.91 20.31 -50.63
CA PRO A 1094 -56.24 20.76 -50.29
C PRO A 1094 -57.31 20.27 -51.23
N GLN A 1095 -58.37 19.78 -50.63
CA GLN A 1095 -59.52 19.29 -51.35
C GLN A 1095 -60.71 20.16 -51.09
N ILE A 1096 -61.68 20.09 -51.97
CA ILE A 1096 -62.92 20.80 -51.75
C ILE A 1096 -63.66 20.17 -50.60
N ILE A 1097 -64.20 20.98 -49.71
CA ILE A 1097 -64.98 20.45 -48.60
C ILE A 1097 -66.34 20.09 -49.13
N THR A 1098 -66.71 18.83 -48.94
CA THR A 1098 -67.93 18.25 -49.47
C THR A 1098 -68.69 17.46 -48.44
N THR A 1099 -69.90 17.07 -48.80
CA THR A 1099 -70.72 16.24 -47.95
C THR A 1099 -70.20 14.82 -47.89
N ASP A 1100 -69.31 14.43 -48.83
CA ASP A 1100 -68.75 13.11 -48.80
C ASP A 1100 -67.33 13.02 -48.21
N ASN A 1101 -66.84 14.10 -47.57
CA ASN A 1101 -65.54 14.02 -46.90
C ASN A 1101 -65.63 14.55 -45.47
N THR A 1102 -66.86 14.80 -45.06
CA THR A 1102 -67.30 15.31 -43.75
C THR A 1102 -68.44 14.47 -43.19
N PHE A 1103 -68.82 14.72 -41.95
CA PHE A 1103 -69.97 14.03 -41.37
C PHE A 1103 -70.67 14.96 -40.43
N VAL A 1104 -71.92 14.65 -40.09
CA VAL A 1104 -72.67 15.54 -39.21
C VAL A 1104 -72.91 15.01 -37.82
N SER A 1105 -72.60 15.85 -36.85
CA SER A 1105 -72.82 15.53 -35.45
C SER A 1105 -73.19 16.75 -34.63
N GLY A 1106 -74.42 16.84 -34.18
CA GLY A 1106 -74.84 18.02 -33.45
C GLY A 1106 -75.15 19.16 -34.42
N ASN A 1107 -75.11 20.38 -33.91
CA ASN A 1107 -75.56 21.54 -34.67
C ASN A 1107 -74.71 22.80 -34.39
N CYS A 1108 -75.06 23.91 -35.07
CA CYS A 1108 -74.36 25.19 -35.07
C CYS A 1108 -74.41 25.95 -33.73
N ASP A 1109 -75.26 25.51 -32.81
CA ASP A 1109 -75.37 26.20 -31.54
C ASP A 1109 -74.62 25.51 -30.42
N VAL A 1110 -73.99 24.36 -30.68
CA VAL A 1110 -73.34 23.63 -29.59
C VAL A 1110 -71.83 23.41 -29.69
N VAL A 1111 -71.18 23.86 -30.75
CA VAL A 1111 -69.75 23.60 -30.86
C VAL A 1111 -69.02 24.93 -30.73
N ILE A 1112 -68.09 25.00 -29.81
CA ILE A 1112 -67.35 26.21 -29.55
C ILE A 1112 -66.24 26.47 -30.56
N GLY A 1113 -66.17 27.70 -31.06
CA GLY A 1113 -65.11 28.09 -31.99
C GLY A 1113 -65.31 27.67 -33.44
N ILE A 1114 -66.52 27.68 -33.94
CA ILE A 1114 -66.74 27.25 -35.31
C ILE A 1114 -67.12 28.40 -36.22
N ILE A 1115 -67.08 28.12 -37.51
CA ILE A 1115 -67.37 29.16 -38.50
C ILE A 1115 -68.50 28.76 -39.43
N ASN A 1116 -69.09 29.75 -40.10
CA ASN A 1116 -70.10 29.50 -41.10
C ASN A 1116 -69.42 29.13 -42.39
N ASN A 1117 -69.95 28.16 -43.11
CA ASN A 1117 -69.33 27.75 -44.36
C ASN A 1117 -70.31 27.10 -45.34
N THR A 1118 -69.79 26.70 -46.50
CA THR A 1118 -70.55 26.00 -47.53
C THR A 1118 -69.97 24.62 -47.75
N VAL A 1119 -70.81 23.59 -47.71
CA VAL A 1119 -70.34 22.23 -47.92
C VAL A 1119 -70.87 21.74 -49.24
N TYR A 1120 -69.98 21.39 -50.15
CA TYR A 1120 -70.43 21.00 -51.47
C TYR A 1120 -71.19 19.69 -51.56
N ASP A 1121 -72.33 19.76 -52.23
CA ASP A 1121 -73.19 18.62 -52.43
C ASP A 1121 -73.37 18.34 -53.93
N PRO A 1122 -72.79 17.24 -54.48
CA PRO A 1122 -72.80 16.84 -55.88
C PRO A 1122 -74.21 16.74 -56.47
N LEU A 1123 -75.20 16.61 -55.61
CA LEU A 1123 -76.56 16.51 -56.08
C LEU A 1123 -76.96 17.78 -56.82
N GLN A 1124 -76.51 18.94 -56.35
CA GLN A 1124 -76.94 20.17 -56.98
C GLN A 1124 -76.74 20.20 -58.50
N PRO A 1125 -75.55 19.93 -59.08
CA PRO A 1125 -75.40 19.83 -60.51
C PRO A 1125 -76.14 18.64 -61.13
N GLU A 1126 -76.44 17.58 -60.38
CA GLU A 1126 -77.22 16.51 -61.00
C GLU A 1126 -78.68 16.96 -61.30
N LEU A 1127 -79.27 17.77 -60.38
CA LEU A 1127 -80.63 18.32 -60.43
C LEU A 1127 -80.75 19.28 -61.61
N GLN B 1 21.86 0.85 43.96
CA GLN B 1 20.48 0.43 43.74
C GLN B 1 19.54 1.14 44.74
N VAL B 2 19.52 0.69 46.03
CA VAL B 2 18.66 1.26 47.08
C VAL B 2 19.50 1.86 48.17
N GLN B 3 19.29 3.14 48.38
CA GLN B 3 20.01 3.89 49.38
C GLN B 3 19.15 4.10 50.60
N LEU B 4 19.78 4.23 51.74
CA LEU B 4 19.08 4.58 52.95
C LEU B 4 19.50 5.94 53.43
N VAL B 5 18.58 6.63 54.05
CA VAL B 5 18.85 7.91 54.68
C VAL B 5 18.52 7.79 56.14
N GLN B 6 19.44 8.21 57.00
CA GLN B 6 19.20 8.10 58.42
C GLN B 6 19.59 9.37 59.13
N SER B 7 19.02 9.57 60.31
CA SER B 7 19.30 10.79 61.08
C SER B 7 20.77 10.91 61.50
N GLY B 8 21.19 12.15 61.77
CA GLY B 8 22.57 12.47 62.11
C GLY B 8 22.89 12.37 63.58
N SER B 9 23.96 13.04 63.98
CA SER B 9 24.42 12.91 65.35
C SER B 9 23.56 13.59 66.38
N GLU B 10 23.70 13.11 67.62
CA GLU B 10 23.03 13.65 68.79
C GLU B 10 23.91 13.55 70.05
N LEU B 11 23.68 14.45 71.00
CA LEU B 11 24.38 14.46 72.29
C LEU B 11 23.44 14.51 73.49
N LYS B 12 23.58 13.52 74.36
CA LYS B 12 22.75 13.39 75.55
C LYS B 12 23.56 13.19 76.80
N LYS B 13 23.01 13.58 77.93
CA LYS B 13 23.65 13.22 79.17
C LYS B 13 23.03 11.88 79.53
N PRO B 14 23.65 11.03 80.36
CA PRO B 14 23.10 9.75 80.74
C PRO B 14 21.69 9.91 81.29
N GLY B 15 20.82 8.99 80.93
CA GLY B 15 19.43 9.03 81.35
C GLY B 15 18.55 9.42 80.19
N ALA B 16 17.26 9.57 80.48
CA ALA B 16 16.26 9.88 79.47
C ALA B 16 16.39 8.92 78.28
N SER B 17 16.17 9.44 77.07
CA SER B 17 16.21 8.60 75.89
C SER B 17 16.50 9.36 74.62
N VAL B 18 16.89 8.61 73.61
CA VAL B 18 17.13 9.13 72.26
C VAL B 18 16.47 8.20 71.26
N THR B 19 16.00 8.72 70.15
CA THR B 19 15.47 7.82 69.15
C THR B 19 16.20 8.01 67.84
N VAL B 20 16.32 6.93 67.08
CA VAL B 20 16.94 6.92 65.78
C VAL B 20 16.00 6.30 64.74
N SER B 21 15.93 6.91 63.57
CA SER B 21 15.11 6.38 62.51
C SER B 21 15.78 6.61 61.16
N CYS B 22 15.34 5.82 60.15
CA CYS B 22 15.79 5.87 58.76
C CYS B 22 14.72 5.42 57.78
N LYS B 23 14.94 5.76 56.50
CA LYS B 23 14.03 5.40 55.40
C LYS B 23 14.74 4.92 54.15
N ALA B 24 14.04 4.10 53.36
CA ALA B 24 14.62 3.58 52.11
C ALA B 24 14.00 4.16 50.87
N SER B 25 14.80 4.31 49.83
CA SER B 25 14.29 4.78 48.56
C SER B 25 13.64 3.66 47.73
N GLY B 26 12.53 3.13 48.25
CA GLY B 26 11.79 2.04 47.62
C GLY B 26 10.34 2.42 47.28
N TYR B 27 9.52 1.42 46.94
CA TYR B 27 8.11 1.63 46.60
C TYR B 27 7.39 0.32 46.86
N SER B 28 6.05 0.35 46.88
CA SER B 28 5.24 -0.83 47.13
C SER B 28 5.55 -1.42 48.48
N PHE B 29 5.48 -2.75 48.62
CA PHE B 29 5.62 -3.31 49.96
C PHE B 29 6.60 -4.49 50.14
N PRO B 30 7.91 -4.26 50.01
CA PRO B 30 8.96 -5.22 50.34
C PRO B 30 8.96 -5.23 51.86
N THR B 31 9.40 -6.31 52.51
CA THR B 31 9.38 -6.30 53.97
C THR B 31 10.69 -6.60 54.69
N HIS B 32 10.68 -6.30 56.00
CA HIS B 32 11.78 -6.53 56.94
C HIS B 32 13.10 -6.03 56.38
N ALA B 33 14.19 -6.73 56.67
CA ALA B 33 15.49 -6.40 56.12
C ALA B 33 15.91 -4.95 56.34
N MET B 34 15.68 -4.46 57.54
CA MET B 34 16.09 -3.14 58.03
C MET B 34 16.78 -3.37 59.33
N ASN B 35 18.05 -3.70 59.25
CA ASN B 35 18.81 -4.20 60.39
C ASN B 35 19.70 -3.16 60.99
N TRP B 36 20.13 -3.34 62.24
CA TRP B 36 21.11 -2.39 62.76
C TRP B 36 22.41 -2.99 63.25
N VAL B 37 23.50 -2.26 62.97
CA VAL B 37 24.86 -2.65 63.39
C VAL B 37 25.58 -1.55 64.17
N ARG B 38 26.11 -1.88 65.35
CA ARG B 38 26.84 -0.96 66.26
C ARG B 38 28.34 -0.98 65.97
N GLN B 39 29.00 0.18 66.04
CA GLN B 39 30.46 0.17 65.84
C GLN B 39 31.18 0.79 67.01
N ALA B 40 31.48 -0.04 67.98
CA ALA B 40 32.09 0.40 69.21
C ALA B 40 33.43 1.09 68.85
N PRO B 41 33.95 2.00 69.69
CA PRO B 41 35.07 2.85 69.39
C PRO B 41 36.42 2.14 69.32
N GLY B 42 36.69 1.57 68.14
CA GLY B 42 37.92 0.83 67.88
C GLY B 42 37.74 -0.67 67.83
N GLN B 43 36.51 -1.14 67.86
CA GLN B 43 36.26 -2.56 67.82
C GLN B 43 35.57 -2.91 66.50
N GLY B 44 35.29 -4.19 66.29
CA GLY B 44 34.65 -4.58 65.05
C GLY B 44 33.17 -4.29 65.13
N LEU B 45 32.46 -4.64 64.09
CA LEU B 45 31.03 -4.38 64.01
C LEU B 45 30.29 -5.33 64.91
N GLU B 46 29.23 -4.83 65.54
CA GLU B 46 28.38 -5.59 66.45
C GLU B 46 26.94 -5.61 65.97
N TRP B 47 26.33 -6.78 65.95
CA TRP B 47 24.96 -6.85 65.49
C TRP B 47 23.96 -6.44 66.56
N MET B 48 23.04 -5.52 66.23
CA MET B 48 22.03 -5.03 67.17
C MET B 48 20.64 -5.54 66.93
N GLY B 49 20.53 -6.60 66.15
CA GLY B 49 19.26 -7.25 65.86
C GLY B 49 18.73 -7.03 64.46
N TRP B 50 18.05 -8.07 63.96
CA TRP B 50 17.43 -8.04 62.66
C TRP B 50 16.10 -7.42 62.99
N ILE B 51 15.25 -7.08 62.03
CA ILE B 51 13.96 -6.53 62.40
C ILE B 51 12.97 -7.66 62.68
N PRO B 52 11.92 -7.40 63.50
CA PRO B 52 12.02 -6.87 64.88
C PRO B 52 12.58 -7.90 65.85
N THR B 53 13.83 -8.26 65.74
CA THR B 53 14.38 -9.34 66.53
C THR B 53 15.21 -8.84 67.69
N TYR B 54 15.62 -9.77 68.54
CA TYR B 54 16.43 -9.46 69.70
C TYR B 54 17.47 -10.55 69.91
N ALA B 55 18.71 -10.18 70.22
CA ALA B 55 19.77 -11.17 70.41
C ALA B 55 20.67 -10.84 71.62
N GLY B 56 21.99 -10.74 71.39
CA GLY B 56 22.96 -10.56 72.47
C GLY B 56 23.12 -9.10 72.92
N PHE B 57 22.04 -8.49 73.33
CA PHE B 57 22.02 -7.08 73.72
C PHE B 57 20.90 -6.80 74.70
N THR B 58 20.85 -5.60 75.24
CA THR B 58 19.83 -5.29 76.25
C THR B 58 18.52 -4.69 75.75
N GLY B 59 17.62 -4.50 76.71
CA GLY B 59 16.23 -4.09 76.51
C GLY B 59 16.04 -2.63 76.18
N ARG B 60 17.14 -1.89 76.21
CA ARG B 60 17.14 -0.48 75.87
C ARG B 60 16.79 -0.30 74.41
N PHE B 61 17.16 -1.28 73.58
CA PHE B 61 17.04 -1.12 72.14
C PHE B 61 15.73 -1.68 71.59
N VAL B 62 14.85 -0.77 71.20
CA VAL B 62 13.49 -1.11 70.79
C VAL B 62 13.21 -0.95 69.29
N PHE B 63 12.83 -2.05 68.65
CA PHE B 63 12.58 -2.13 67.21
C PHE B 63 11.14 -1.88 66.73
N SER B 64 11.02 -1.18 65.59
CA SER B 64 9.73 -0.96 64.90
C SER B 64 9.95 -0.73 63.39
N LEU B 65 9.03 -1.21 62.54
CA LEU B 65 9.17 -0.97 61.09
C LEU B 65 7.89 -0.80 60.29
N ASP B 66 7.85 0.28 59.53
CA ASP B 66 6.79 0.59 58.59
C ASP B 66 7.17 0.03 57.22
N VAL B 69 7.89 2.42 53.10
CA VAL B 69 9.03 3.26 52.73
C VAL B 69 10.17 2.89 53.65
N SER B 70 9.96 1.78 54.32
CA SER B 70 10.83 1.22 55.31
C SER B 70 11.13 2.23 56.36
N THR B 71 10.12 2.88 56.92
CA THR B 71 10.54 3.80 57.94
C THR B 71 10.86 2.88 59.07
N ALA B 72 12.11 2.86 59.44
CA ALA B 72 12.57 1.92 60.41
C ALA B 72 12.97 2.68 61.63
N TYR B 73 12.70 2.12 62.78
CA TYR B 73 13.05 2.78 64.00
C TYR B 73 13.81 1.88 64.94
N LEU B 74 14.72 2.47 65.67
CA LEU B 74 15.35 1.78 66.77
C LEU B 74 15.56 2.83 67.85
N GLN B 75 14.83 2.67 68.94
CA GLN B 75 14.84 3.66 70.01
C GLN B 75 15.72 3.20 71.14
N ILE B 76 16.36 4.15 71.84
CA ILE B 76 17.18 3.76 72.97
C ILE B 76 16.62 4.31 74.28
N SER B 77 16.02 3.44 75.08
CA SER B 77 15.44 3.84 76.34
C SER B 77 16.52 3.82 77.39
N SER B 78 16.39 4.61 78.45
CA SER B 78 17.37 4.56 79.53
C SER B 78 18.80 4.64 79.00
N LEU B 79 19.07 5.66 78.22
CA LEU B 79 20.36 5.81 77.56
C LEU B 79 21.55 5.87 78.54
N LYS B 80 22.57 5.04 78.27
CA LYS B 80 23.76 4.93 79.11
C LYS B 80 25.05 5.39 78.46
N ALA B 81 26.07 5.61 79.30
CA ALA B 81 27.40 6.05 78.85
C ALA B 81 28.05 5.12 77.83
N ASP B 82 27.80 3.81 77.90
CA ASP B 82 28.43 2.89 76.94
C ASP B 82 27.65 2.90 75.64
N ASP B 83 27.74 4.03 74.96
CA ASP B 83 26.99 4.26 73.76
C ASP B 83 27.65 5.37 72.91
N THR B 84 28.18 4.97 71.76
CA THR B 84 28.87 5.85 70.80
C THR B 84 28.74 5.14 69.48
N ALA B 85 28.69 5.87 68.35
CA ALA B 85 28.56 5.23 67.03
C ALA B 85 27.58 4.08 67.16
N VAL B 86 26.42 4.40 67.71
CA VAL B 86 25.54 3.38 68.20
C VAL B 86 25.03 2.46 67.13
N TYR B 87 24.75 2.98 65.95
CA TYR B 87 24.37 2.09 64.88
C TYR B 87 24.26 2.64 63.48
N TYR B 88 24.34 1.70 62.55
CA TYR B 88 24.12 1.88 61.15
C TYR B 88 22.86 1.16 60.73
N CYS B 89 22.04 1.75 59.81
CA CYS B 89 20.88 1.08 59.21
C CYS B 89 21.42 0.29 58.03
N ALA B 90 21.07 -0.98 57.98
CA ALA B 90 21.50 -1.84 56.91
C ALA B 90 20.32 -2.37 56.14
N ARG B 91 20.32 -2.13 54.85
CA ARG B 91 19.26 -2.59 53.98
C ARG B 91 19.62 -3.98 53.57
N GLY B 92 18.69 -4.93 53.65
CA GLY B 92 18.97 -6.32 53.25
C GLY B 92 18.56 -6.67 51.82
N HIS B 93 18.16 -5.68 51.06
CA HIS B 93 17.69 -5.91 49.70
C HIS B 93 18.65 -5.54 48.57
N VAL B 94 18.70 -6.46 47.63
CA VAL B 94 19.38 -6.41 46.34
C VAL B 94 20.90 -6.43 46.43
N LEU B 95 21.47 -5.34 46.89
CA LEU B 95 22.92 -5.24 47.02
C LEU B 95 23.34 -5.22 48.46
N GLU B 96 22.39 -4.90 49.32
CA GLU B 96 22.59 -4.69 50.74
C GLU B 96 23.35 -3.35 50.88
N TRP B 97 23.00 -2.53 51.87
CA TRP B 97 23.65 -1.20 51.95
C TRP B 97 23.64 -0.52 53.33
N PHE B 98 24.69 0.26 53.68
CA PHE B 98 24.74 0.95 55.00
C PHE B 98 25.00 2.47 54.98
N GLN B 99 24.49 3.21 56.01
CA GLN B 99 24.84 4.65 56.18
C GLN B 99 25.54 5.10 57.50
N GLY B 100 24.88 4.99 58.65
CA GLY B 100 25.47 5.35 59.96
C GLY B 100 25.03 6.63 60.67
N THR B 101 24.77 6.52 61.98
CA THR B 101 24.41 7.67 62.83
C THR B 101 25.35 7.68 64.03
N LEU B 102 25.16 8.64 64.92
CA LEU B 102 25.99 8.79 66.11
C LEU B 102 25.33 9.39 67.34
N VAL B 103 25.37 8.69 68.46
CA VAL B 103 24.86 9.25 69.68
C VAL B 103 25.97 9.27 70.69
N THR B 104 26.27 10.44 71.22
CA THR B 104 27.30 10.55 72.24
C THR B 104 26.65 10.77 73.58
N VAL B 105 27.08 9.99 74.58
CA VAL B 105 26.52 10.17 75.90
C VAL B 105 27.63 10.61 76.85
N SER B 106 27.44 11.77 77.48
CA SER B 106 28.49 12.29 78.37
C SER B 106 27.95 13.22 79.45
N SER B 107 28.73 13.46 80.52
CA SER B 107 28.41 14.36 81.64
C SER B 107 28.80 15.83 81.33
N VAL C 2 37.53 -20.71 64.13
CA VAL C 2 36.34 -21.13 64.89
C VAL C 2 35.49 -19.91 65.31
N VAL C 3 36.16 -18.83 65.78
CA VAL C 3 35.54 -17.60 66.29
C VAL C 3 35.86 -16.36 65.48
N MET C 4 36.33 -16.51 64.25
CA MET C 4 36.64 -15.37 63.41
C MET C 4 37.63 -14.41 63.97
N THR C 5 38.82 -14.87 64.32
CA THR C 5 39.76 -13.93 64.87
C THR C 5 40.17 -12.91 63.80
N GLN C 6 40.31 -13.39 62.58
CA GLN C 6 40.76 -12.52 61.45
C GLN C 6 42.27 -12.43 61.49
N SER C 7 42.90 -12.88 60.41
CA SER C 7 44.35 -12.87 60.33
C SER C 7 44.94 -11.51 60.70
N PRO C 8 46.25 -11.44 61.04
CA PRO C 8 46.97 -10.26 61.51
C PRO C 8 46.79 -9.08 60.59
N LEU C 9 46.87 -7.90 61.19
CA LEU C 9 46.60 -6.65 60.52
C LEU C 9 47.72 -6.17 59.61
N SER C 10 48.01 -6.95 58.58
CA SER C 10 49.06 -6.58 57.65
C SER C 10 48.96 -7.23 56.27
N LEU C 11 49.59 -6.55 55.32
CA LEU C 11 49.80 -6.99 53.94
C LEU C 11 50.92 -6.16 53.37
N SER C 12 51.43 -6.50 52.19
CA SER C 12 52.42 -5.62 51.59
C SER C 12 51.77 -4.29 51.31
N VAL C 13 52.44 -3.21 51.64
CA VAL C 13 51.82 -1.92 51.42
C VAL C 13 52.38 -1.25 50.18
N THR C 14 53.19 -1.97 49.42
CA THR C 14 53.77 -1.38 48.23
C THR C 14 52.65 -1.14 47.20
N PRO C 15 52.48 0.09 46.68
CA PRO C 15 51.46 0.41 45.72
C PRO C 15 51.61 -0.43 44.49
N GLY C 16 50.50 -0.92 43.96
CA GLY C 16 50.50 -1.69 42.73
C GLY C 16 50.76 -3.17 42.95
N GLN C 17 51.01 -3.60 44.17
CA GLN C 17 51.29 -5.00 44.40
C GLN C 17 50.02 -5.68 44.87
N PRO C 18 49.83 -6.99 44.63
CA PRO C 18 48.71 -7.84 45.04
C PRO C 18 48.70 -8.13 46.53
N ALA C 19 47.54 -8.55 47.04
CA ALA C 19 47.46 -8.95 48.45
C ALA C 19 46.40 -10.01 48.72
N SER C 20 46.58 -10.71 49.84
CA SER C 20 45.62 -11.74 50.28
C SER C 20 45.31 -11.62 51.78
N ILE C 21 44.02 -11.47 52.07
CA ILE C 21 43.48 -11.32 53.40
C ILE C 21 42.71 -12.55 53.82
N SER C 22 42.98 -13.10 55.01
CA SER C 22 42.31 -14.35 55.39
C SER C 22 41.62 -14.35 56.76
N CYS C 23 40.72 -15.36 56.98
CA CYS C 23 39.92 -15.58 58.18
C CYS C 23 39.65 -17.06 58.46
N LYS C 24 39.26 -17.37 59.71
CA LYS C 24 38.96 -18.75 60.11
C LYS C 24 37.66 -18.93 60.89
N SER C 25 36.94 -20.02 60.58
CA SER C 25 35.71 -20.41 61.28
C SER C 25 35.70 -21.91 61.61
N SER C 26 34.50 -22.47 61.84
CA SER C 26 34.36 -23.88 62.26
C SER C 26 33.57 -24.89 61.38
N GLN C 27 32.79 -24.45 60.40
CA GLN C 27 31.90 -25.39 59.71
C GLN C 27 31.34 -24.86 58.40
N THR C 28 30.58 -25.69 57.67
CA THR C 28 29.87 -25.14 56.52
C THR C 28 28.86 -24.16 57.08
N LEU C 29 28.95 -22.94 56.61
CA LEU C 29 28.17 -21.86 57.17
C LEU C 29 26.83 -21.58 56.57
N LEU C 30 25.87 -22.43 56.87
CA LEU C 30 24.56 -22.18 56.27
C LEU C 30 23.86 -20.94 56.89
N HIS C 31 23.35 -20.07 56.02
CA HIS C 31 22.67 -18.80 56.23
C HIS C 31 21.28 -19.01 56.72
N SER C 32 20.70 -18.02 57.39
CA SER C 32 19.33 -18.15 57.86
C SER C 32 18.33 -18.33 56.68
N ASP C 33 18.74 -17.94 55.46
CA ASP C 33 17.94 -18.16 54.24
C ASP C 33 18.23 -19.56 53.66
N GLY C 34 19.12 -20.31 54.31
CA GLY C 34 19.53 -21.65 53.96
C GLY C 34 20.80 -21.79 53.13
N GLN C 35 21.31 -20.71 52.55
CA GLN C 35 22.49 -20.80 51.69
C GLN C 35 23.83 -20.73 52.39
N THR C 36 24.87 -21.32 51.83
CA THR C 36 26.20 -21.21 52.45
C THR C 36 26.67 -19.76 52.33
N SER C 37 27.22 -19.18 53.40
CA SER C 37 27.70 -17.82 53.23
C SER C 37 28.93 -17.48 54.03
N PHE C 38 29.68 -16.58 53.45
CA PHE C 38 30.84 -15.93 54.03
C PHE C 38 30.66 -14.51 53.58
N TYR C 39 30.85 -13.51 54.43
CA TYR C 39 30.74 -12.13 53.94
C TYR C 39 31.97 -11.28 54.04
N TRP C 40 32.26 -10.56 52.95
CA TRP C 40 33.34 -9.61 52.95
C TRP C 40 32.83 -8.20 52.88
N TYR C 41 33.22 -7.40 53.87
CA TYR C 41 32.84 -6.00 53.96
C TYR C 41 34.06 -5.11 54.02
N LEU C 42 33.93 -3.94 53.46
CA LEU C 42 34.98 -2.95 53.58
C LEU C 42 34.54 -1.79 54.36
N GLN C 43 35.22 -1.55 55.45
CA GLN C 43 34.94 -0.41 56.29
C GLN C 43 35.86 0.65 55.80
N LYS C 44 35.31 1.69 55.23
CA LYS C 44 36.17 2.68 54.69
C LYS C 44 36.80 3.37 55.89
N PRO C 45 37.93 4.06 55.76
CA PRO C 45 38.55 4.87 56.80
C PRO C 45 37.61 5.99 57.29
N GLY C 46 36.59 6.30 56.49
CA GLY C 46 35.63 7.33 56.76
C GLY C 46 34.31 6.80 57.34
N GLN C 47 33.20 7.33 56.81
CA GLN C 47 31.86 7.10 57.35
C GLN C 47 31.22 5.71 57.33
N SER C 48 31.46 4.87 56.33
CA SER C 48 30.67 3.63 56.35
C SER C 48 31.26 2.40 55.67
N PRO C 49 30.79 1.20 56.07
CA PRO C 49 31.03 -0.06 55.44
C PRO C 49 30.23 -0.21 54.17
N GLN C 50 30.74 -1.05 53.29
CA GLN C 50 30.04 -1.47 52.10
C GLN C 50 30.24 -2.96 51.89
N LEU C 51 29.29 -3.62 51.26
CA LEU C 51 29.44 -5.04 51.00
C LEU C 51 30.18 -5.33 49.71
N LEU C 52 31.21 -6.18 49.78
CA LEU C 52 32.00 -6.53 48.62
C LEU C 52 31.66 -7.85 47.98
N ILE C 53 31.74 -8.92 48.76
CA ILE C 53 31.60 -10.30 48.25
C ILE C 53 30.80 -11.21 49.19
N TYR C 54 29.98 -12.12 48.65
CA TYR C 54 29.43 -13.08 49.60
C TYR C 54 29.67 -14.49 49.03
N ASP C 55 29.76 -15.45 49.96
CA ASP C 55 29.95 -16.88 49.68
C ASP C 55 31.10 -17.06 48.76
N ILE C 56 32.18 -16.35 49.02
CA ILE C 56 33.36 -16.36 48.20
C ILE C 56 33.12 -16.65 46.70
N SER C 57 32.08 -16.04 46.10
CA SER C 57 31.81 -16.30 44.71
C SER C 57 31.17 -15.12 44.01
N SER C 58 30.11 -14.59 44.62
CA SER C 58 29.35 -13.49 44.03
C SER C 58 29.87 -12.16 44.50
N ARG C 59 30.11 -11.27 43.56
CA ARG C 59 30.70 -10.00 43.89
C ARG C 59 29.71 -8.89 43.61
N PHE C 60 29.70 -7.91 44.48
CA PHE C 60 28.77 -6.80 44.43
C PHE C 60 29.27 -5.67 43.59
N SER C 61 28.33 -4.89 43.07
CA SER C 61 28.66 -3.77 42.23
C SER C 61 29.67 -2.88 42.91
N GLY C 62 30.64 -2.46 42.11
CA GLY C 62 31.74 -1.61 42.55
C GLY C 62 33.06 -2.37 42.74
N VAL C 63 33.00 -3.69 42.97
CA VAL C 63 34.23 -4.51 43.13
C VAL C 63 34.33 -5.88 42.41
N PRO C 64 33.82 -6.01 41.16
CA PRO C 64 33.92 -7.27 40.44
C PRO C 64 35.23 -7.53 39.70
N ASP C 65 35.97 -6.46 39.36
CA ASP C 65 37.19 -6.62 38.58
C ASP C 65 38.46 -6.71 39.40
N ARG C 66 38.46 -6.08 40.56
CA ARG C 66 39.69 -6.01 41.34
C ARG C 66 39.72 -6.98 42.52
N PHE C 67 38.56 -7.40 43.02
CA PHE C 67 38.57 -8.25 44.19
C PHE C 67 38.04 -9.64 43.86
N SER C 68 38.53 -10.66 44.56
CA SER C 68 38.03 -12.03 44.36
C SER C 68 37.99 -12.90 45.64
N GLY C 69 36.91 -13.63 45.85
CA GLY C 69 36.81 -14.48 47.04
C GLY C 69 37.32 -15.90 46.76
N SER C 70 37.82 -16.55 47.80
CA SER C 70 38.29 -17.94 47.72
C SER C 70 38.43 -18.61 49.07
N GLY C 71 38.93 -19.84 49.06
CA GLY C 71 39.17 -20.60 50.28
C GLY C 71 38.66 -22.03 50.26
N SER C 72 38.96 -22.77 51.33
CA SER C 72 38.57 -24.17 51.46
C SER C 72 38.52 -24.57 52.94
N GLY C 73 37.85 -25.69 53.24
CA GLY C 73 37.82 -26.12 54.64
C GLY C 73 37.16 -25.02 55.46
N THR C 74 37.86 -24.56 56.50
CA THR C 74 37.39 -23.52 57.39
C THR C 74 38.18 -22.22 57.21
N ASP C 75 39.10 -22.23 56.24
CA ASP C 75 40.03 -21.13 56.00
C ASP C 75 39.68 -20.34 54.74
N PHE C 76 39.24 -19.10 54.91
CA PHE C 76 38.77 -18.34 53.75
C PHE C 76 39.53 -17.08 53.47
N THR C 77 39.58 -16.71 52.18
CA THR C 77 40.36 -15.56 51.77
C THR C 77 39.70 -14.56 50.81
N LEU C 78 40.31 -13.37 50.77
CA LEU C 78 40.03 -12.30 49.83
C LEU C 78 41.27 -11.89 49.08
N LYS C 79 41.20 -11.96 47.77
CA LYS C 79 42.31 -11.57 46.93
C LYS C 79 42.10 -10.18 46.37
N ILE C 80 43.13 -9.36 46.46
CA ILE C 80 43.08 -8.05 45.84
C ILE C 80 44.04 -8.17 44.68
N SER C 81 43.55 -8.00 43.45
CA SER C 81 44.40 -8.21 42.27
C SER C 81 45.63 -7.31 42.29
N ARG C 82 45.41 -6.03 42.53
CA ARG C 82 46.45 -5.06 42.68
C ARG C 82 45.98 -4.11 43.74
N VAL C 83 46.80 -3.79 44.72
CA VAL C 83 46.34 -2.87 45.73
C VAL C 83 46.62 -1.45 45.20
N GLU C 84 45.63 -0.94 44.47
CA GLU C 84 45.78 0.28 43.68
C GLU C 84 45.52 1.62 44.35
N ALA C 85 46.35 1.94 45.33
CA ALA C 85 46.37 3.24 46.06
C ALA C 85 45.14 3.56 46.91
N GLU C 86 43.94 3.49 46.34
CA GLU C 86 42.69 3.79 47.03
C GLU C 86 42.19 2.61 47.87
N ASP C 87 42.77 1.45 47.70
CA ASP C 87 42.30 0.25 48.37
C ASP C 87 42.80 0.17 49.80
N VAL C 88 42.25 1.03 50.63
CA VAL C 88 42.61 1.16 52.01
C VAL C 88 41.40 1.03 52.90
N GLY C 89 41.63 0.82 54.19
CA GLY C 89 40.51 0.70 55.11
C GLY C 89 40.60 -0.61 55.83
N VAL C 90 39.50 -1.07 56.38
CA VAL C 90 39.57 -2.31 57.10
C VAL C 90 38.70 -3.35 56.40
N TYR C 91 39.29 -4.45 56.05
CA TYR C 91 38.55 -5.49 55.36
C TYR C 91 38.13 -6.57 56.32
N TYR C 92 36.84 -6.76 56.46
CA TYR C 92 36.34 -7.73 57.41
C TYR C 92 35.76 -8.94 56.74
N CYS C 93 36.00 -10.11 57.33
CA CYS C 93 35.41 -11.37 57.00
C CYS C 93 34.42 -11.60 58.14
N MET C 94 33.17 -11.90 57.81
CA MET C 94 32.25 -12.13 58.90
C MET C 94 31.24 -13.25 58.64
N GLN C 95 30.75 -13.78 59.74
CA GLN C 95 29.82 -14.90 59.73
C GLN C 95 28.38 -14.50 59.56
N GLY C 96 28.05 -14.10 58.36
CA GLY C 96 26.69 -13.67 57.98
C GLY C 96 25.90 -14.91 57.60
N THR C 97 25.86 -15.82 58.57
CA THR C 97 25.39 -17.19 58.49
C THR C 97 24.42 -17.60 59.60
N GLN C 98 24.53 -18.86 60.05
CA GLN C 98 23.73 -19.44 61.14
C GLN C 98 24.06 -18.74 62.46
N PHE C 99 25.30 -18.30 62.52
CA PHE C 99 25.98 -17.63 63.61
C PHE C 99 25.33 -16.25 63.73
N PRO C 100 25.28 -15.62 64.91
CA PRO C 100 24.63 -14.34 65.13
C PRO C 100 25.44 -13.14 64.63
N TRP C 101 25.67 -13.08 63.32
CA TRP C 101 26.38 -11.97 62.69
C TRP C 101 27.60 -11.53 63.45
N THR C 102 28.56 -12.44 63.60
CA THR C 102 29.77 -12.13 64.32
C THR C 102 30.85 -11.76 63.32
N PHE C 103 31.55 -10.69 63.63
CA PHE C 103 32.61 -10.14 62.77
C PHE C 103 33.97 -10.33 63.43
N GLY C 104 35.03 -10.48 62.63
CA GLY C 104 36.36 -10.54 63.23
C GLY C 104 36.91 -9.14 63.45
N GLN C 105 38.19 -9.02 63.82
CA GLN C 105 38.77 -7.68 64.06
C GLN C 105 38.95 -6.87 62.77
N GLY C 106 39.01 -7.56 61.66
CA GLY C 106 39.19 -6.95 60.34
C GLY C 106 40.66 -6.82 60.02
N THR C 107 41.01 -6.68 58.76
CA THR C 107 42.41 -6.50 58.41
C THR C 107 42.67 -5.07 58.04
N LYS C 108 43.65 -4.49 58.69
CA LYS C 108 44.01 -3.12 58.43
C LYS C 108 44.83 -3.03 57.17
N VAL C 109 44.37 -2.22 56.25
CA VAL C 109 45.05 -2.05 54.99
C VAL C 109 45.53 -0.63 54.80
N GLU C 110 46.83 -0.56 54.54
CA GLU C 110 47.55 0.66 54.30
C GLU C 110 48.25 0.51 52.98
N ILE C 111 48.46 1.63 52.30
CA ILE C 111 49.26 1.64 51.08
C ILE C 111 50.30 2.77 51.28
N LYS C 112 51.60 2.48 51.05
CA LYS C 112 52.73 3.43 51.24
C LYS C 112 53.77 3.33 50.11
#